data_5MI5
#
_entry.id   5MI5
#
_cell.length_a   198.221
_cell.length_b   52.120
_cell.length_c   112.779
_cell.angle_alpha   90.00
_cell.angle_beta   113.24
_cell.angle_gamma   90.00
#
_symmetry.space_group_name_H-M   'C 1 2 1'
#
loop_
_entity.id
_entity.type
_entity.pdbx_description
1 polymer 'O-GlcNAcase BT_4395'
2 non-polymer 'O-(2-ACETAMIDO-2-DEOXY D-GLUCOPYRANOSYLIDENE) AMINO-N-PHENYLCARBAMATE'
3 non-polymer ~{N}-(4-ethoxyquinazolin-2-yl)propanamide
4 non-polymer 'CALCIUM ION'
5 water water
#
_entity_poly.entity_id   1
_entity_poly.type   'polypeptide(L)'
_entity_poly.pdbx_seq_one_letter_code
;MGSSHHHHHHQWNVSLQPPPQQLIVQNKTIDLPAVYQLNGGEEANPHAVKVLKELLSGKQSSKKGMLISIGEKGDKSVRK
YSRQIPDHKEGYYLSVNEKEIVLAGNDERGTYYALQTFAQLLKDGKLPEVEIKDYPSVRYRGVVEGFYGTPWSHQARLSQ
LKFYGKNKMNTYIYGPKDDPYHSAPNWRLPYPDKEAAQLQELVAVANENEVDFVWAIHPGQDIKWNKEDRDLLLAKFEKM
YQLGVRSFAVFFDDISGEGTNPQKQAELLNYIDEKFAQVKPDINQLVMCPTEYNKSWSNPNGNYLTTLGDKLNPSIQIMW
TGDRVISDITRDGISWINERIKRPAYIWWNFPVSDYVRDHLLLGPVYGNDTTIAKEMSGFVTNPMEHAESSKIAIYSVAS
YAWNPAKYDTWQTWKDAIRTILPSAAEELESFAMHNSDLGPNGHGYRREESMDIQPAAERFLKAFKEGKNYDKADFETLQ
YTFERMKESADILLMNTENKPLIVEITPWVHQFKLTAEMGEEVLKMVEGRNESYFLRKYNHVKALQQQMFYIDQTSNQNP
CQPGVKTATRVIKPLIDRTFATVVKFFNQKFNAHLDATTDYMPHKMISNVEQIKNLPLQVKANRVLISPANEVVKWAAGN
SVEIELDAIYPGENIQINFGKDAPSTWGRLEISTDGKEWKTVDLKQKESRLSAGLQKAPVKFVRFTNVSDEEQQVYLRQF
VLTIEKK
;
_entity_poly.pdbx_strand_id   A
#
loop_
_chem_comp.id
_chem_comp.type
_chem_comp.name
_chem_comp.formula
7NQ non-polymer ~{N}-(4-ethoxyquinazolin-2-yl)propanamide 'C13 H15 N3 O2'
CA non-polymer 'CALCIUM ION' 'Ca 2'
OAN non-polymer 'O-(2-ACETAMIDO-2-DEOXY D-GLUCOPYRANOSYLIDENE) AMINO-N-PHENYLCARBAMATE' 'C15 H19 N3 O7'
#
# COMPACT_ATOMS: atom_id res chain seq x y z
N SER A 15 13.39 9.08 -19.72
CA SER A 15 12.82 8.32 -18.60
C SER A 15 11.90 9.20 -17.75
N LEU A 16 11.36 10.25 -18.37
CA LEU A 16 10.55 11.22 -17.65
C LEU A 16 9.32 10.57 -17.04
N GLN A 17 9.06 10.88 -15.76
CA GLN A 17 7.89 10.40 -15.05
C GLN A 17 7.32 11.54 -14.21
N PRO A 18 6.01 11.81 -14.30
CA PRO A 18 5.08 11.27 -15.31
C PRO A 18 5.43 11.75 -16.73
N PRO A 19 5.13 10.94 -17.74
CA PRO A 19 5.48 11.31 -19.13
C PRO A 19 4.68 12.51 -19.62
N PRO A 20 5.35 13.50 -20.22
CA PRO A 20 4.64 14.69 -20.71
C PRO A 20 3.61 14.35 -21.78
N GLN A 21 2.67 15.28 -21.96
CA GLN A 21 1.64 15.09 -22.96
C GLN A 21 2.17 15.35 -24.38
N GLN A 22 3.10 16.29 -24.52
CA GLN A 22 3.74 16.57 -25.80
C GLN A 22 5.24 16.71 -25.59
N LEU A 23 6.02 16.04 -26.43
CA LEU A 23 7.47 16.00 -26.28
C LEU A 23 8.11 15.96 -27.66
N ILE A 24 9.10 16.83 -27.88
CA ILE A 24 9.89 16.84 -29.11
C ILE A 24 11.36 16.88 -28.72
N VAL A 25 12.11 15.85 -29.13
CA VAL A 25 13.54 15.74 -28.83
C VAL A 25 14.32 15.90 -30.12
N GLN A 26 15.58 16.36 -30.00
CA GLN A 26 16.33 16.88 -31.13
C GLN A 26 17.62 16.14 -31.46
N ASN A 27 18.19 15.38 -30.52
CA ASN A 27 19.50 14.73 -30.64
C ASN A 27 20.66 15.72 -30.55
N LYS A 28 20.43 16.90 -30.00
CA LYS A 28 21.49 17.82 -29.63
C LYS A 28 21.50 18.00 -28.12
N THR A 29 22.68 18.21 -27.56
CA THR A 29 22.83 18.41 -26.12
C THR A 29 23.60 19.70 -25.87
N ILE A 30 23.22 20.40 -24.80
CA ILE A 30 23.87 21.64 -24.41
C ILE A 30 24.30 21.53 -22.96
N ASP A 31 25.35 22.28 -22.61
CA ASP A 31 25.83 22.32 -21.25
C ASP A 31 25.03 23.32 -20.43
N LEU A 32 24.74 22.96 -19.18
CA LEU A 32 24.16 23.90 -18.25
C LEU A 32 25.04 25.14 -18.18
N PRO A 33 24.50 26.34 -18.43
CA PRO A 33 25.36 27.52 -18.65
C PRO A 33 26.20 27.84 -17.43
N ALA A 34 27.51 27.83 -17.62
CA ALA A 34 28.43 28.24 -16.56
C ALA A 34 28.15 29.68 -16.13
N VAL A 35 27.85 30.55 -17.09
CA VAL A 35 27.37 31.90 -16.82
C VAL A 35 25.99 32.03 -17.43
N TYR A 36 25.06 32.61 -16.68
CA TYR A 36 23.68 32.70 -17.12
C TYR A 36 23.11 34.08 -16.76
N GLN A 37 21.88 34.31 -17.23
CA GLN A 37 21.15 35.55 -16.95
C GLN A 37 19.70 35.17 -16.68
N LEU A 38 19.25 35.37 -15.45
CA LEU A 38 17.92 34.92 -15.03
C LEU A 38 16.91 36.05 -15.19
N ASN A 39 15.75 35.70 -15.74
CA ASN A 39 14.68 36.65 -16.01
C ASN A 39 13.42 36.11 -15.36
N GLY A 40 12.85 36.88 -14.43
CA GLY A 40 11.65 36.49 -13.74
C GLY A 40 11.84 35.86 -12.37
N GLY A 41 13.03 35.94 -11.79
CA GLY A 41 13.25 35.38 -10.47
C GLY A 41 12.47 36.08 -9.37
N GLU A 42 11.97 37.28 -9.63
CA GLU A 42 11.24 38.05 -8.62
C GLU A 42 9.73 38.05 -8.86
N GLU A 43 9.26 37.53 -9.99
CA GLU A 43 7.84 37.53 -10.28
C GLU A 43 7.23 36.13 -10.47
N ALA A 44 8.04 35.09 -10.54
CA ALA A 44 7.55 33.72 -10.66
C ALA A 44 7.44 33.06 -9.28
N ASN A 45 6.71 31.93 -9.24
CA ASN A 45 6.47 31.12 -8.06
C ASN A 45 7.74 30.94 -7.23
N PRO A 46 7.74 31.43 -5.98
CA PRO A 46 8.93 31.24 -5.12
C PRO A 46 9.33 29.80 -4.95
N HIS A 47 8.37 28.87 -4.90
CA HIS A 47 8.70 27.46 -4.76
C HIS A 47 9.46 26.94 -5.98
N ALA A 48 9.11 27.44 -7.18
CA ALA A 48 9.83 27.03 -8.38
C ALA A 48 11.22 27.66 -8.43
N VAL A 49 11.31 28.96 -8.12
CA VAL A 49 12.59 29.67 -8.17
C VAL A 49 13.60 29.01 -7.25
N LYS A 50 13.16 28.56 -6.06
CA LYS A 50 14.04 27.90 -5.13
C LYS A 50 14.67 26.65 -5.74
N VAL A 51 13.82 25.77 -6.29
CA VAL A 51 14.32 24.58 -6.98
C VAL A 51 15.32 24.96 -8.06
N LEU A 52 15.00 26.00 -8.83
CA LEU A 52 15.85 26.40 -9.95
C LEU A 52 17.25 26.80 -9.48
N LYS A 53 17.32 27.63 -8.45
CA LYS A 53 18.62 28.08 -7.96
C LYS A 53 19.40 26.99 -7.23
N GLU A 54 18.75 25.89 -6.86
CA GLU A 54 19.50 24.75 -6.34
C GLU A 54 20.23 24.03 -7.45
N LEU A 55 19.60 23.92 -8.62
CA LEU A 55 20.24 23.27 -9.76
C LEU A 55 21.32 24.14 -10.38
N LEU A 56 21.25 25.45 -10.21
CA LEU A 56 22.21 26.38 -10.79
C LEU A 56 23.32 26.79 -9.83
N SER A 57 23.27 26.34 -8.58
CA SER A 57 24.18 26.85 -7.56
C SER A 57 25.63 26.61 -7.95
N GLY A 58 26.49 27.54 -7.55
CA GLY A 58 27.89 27.55 -7.92
C GLY A 58 28.17 28.30 -9.21
N LYS A 59 27.25 28.20 -10.17
CA LYS A 59 27.42 28.88 -11.44
C LYS A 59 27.12 30.37 -11.29
N GLN A 60 27.57 31.14 -12.28
CA GLN A 60 27.66 32.59 -12.18
C GLN A 60 26.43 33.27 -12.77
N SER A 61 25.85 34.21 -12.02
CA SER A 61 24.73 35.01 -12.48
C SER A 61 25.21 36.40 -12.86
N SER A 62 24.69 36.91 -13.98
CA SER A 62 25.06 38.23 -14.48
C SER A 62 24.15 38.56 -15.65
N LYS A 63 24.28 39.80 -16.14
CA LYS A 63 23.62 40.17 -17.39
C LYS A 63 24.26 39.48 -18.59
N LYS A 64 25.56 39.18 -18.52
CA LYS A 64 26.21 38.46 -19.59
C LYS A 64 25.85 36.98 -19.52
N GLY A 65 25.66 36.37 -20.69
CA GLY A 65 25.53 34.93 -20.79
C GLY A 65 24.14 34.48 -21.20
N MET A 66 23.94 33.16 -21.13
CA MET A 66 22.71 32.54 -21.58
C MET A 66 21.52 33.00 -20.76
N LEU A 67 20.38 33.20 -21.43
CA LEU A 67 19.19 33.71 -20.78
C LEU A 67 18.29 32.57 -20.34
N ILE A 68 17.79 32.67 -19.11
CA ILE A 68 16.84 31.70 -18.57
C ILE A 68 15.60 32.48 -18.14
N SER A 69 14.45 32.10 -18.66
CA SER A 69 13.19 32.82 -18.42
C SER A 69 12.23 31.91 -17.69
N ILE A 70 11.80 32.34 -16.51
CA ILE A 70 10.81 31.63 -15.70
C ILE A 70 9.68 32.59 -15.40
N GLY A 71 8.45 32.08 -15.40
CA GLY A 71 7.32 32.90 -15.02
C GLY A 71 6.01 32.21 -15.28
N GLU A 72 4.96 32.83 -14.77
CA GLU A 72 3.58 32.46 -15.05
C GLU A 72 3.06 33.30 -16.20
N LYS A 73 2.00 32.81 -16.84
CA LYS A 73 1.30 33.57 -17.87
C LYS A 73 0.79 34.88 -17.29
N GLY A 74 1.27 36.01 -17.84
CA GLY A 74 0.97 37.33 -17.33
C GLY A 74 2.20 38.07 -16.85
N ASP A 75 3.22 37.36 -16.40
CA ASP A 75 4.46 37.99 -15.99
C ASP A 75 5.23 38.49 -17.20
N LYS A 76 5.89 39.66 -17.05
CA LYS A 76 6.68 40.23 -18.13
C LYS A 76 7.72 39.25 -18.66
N SER A 77 8.21 38.36 -17.80
CA SER A 77 9.33 37.49 -18.13
C SER A 77 8.99 36.53 -19.28
N VAL A 78 7.74 36.11 -19.40
CA VAL A 78 7.34 35.13 -20.40
C VAL A 78 6.38 35.71 -21.43
N ARG A 79 6.34 37.04 -21.58
CA ARG A 79 5.42 37.65 -22.53
C ARG A 79 5.61 37.08 -23.94
N LYS A 80 6.86 36.83 -24.32
CA LYS A 80 7.16 36.36 -25.67
C LYS A 80 6.61 34.97 -25.95
N TYR A 81 6.25 34.21 -24.91
CA TYR A 81 5.93 32.79 -25.04
C TYR A 81 4.50 32.46 -24.63
N SER A 82 3.61 33.45 -24.61
CA SER A 82 2.27 33.22 -24.08
C SER A 82 1.41 32.34 -24.98
N ARG A 83 1.75 32.21 -26.26
CA ARG A 83 1.01 31.32 -27.13
C ARG A 83 1.47 29.87 -27.02
N GLN A 84 2.68 29.64 -26.52
CA GLN A 84 3.17 28.28 -26.31
C GLN A 84 2.60 27.64 -25.04
N ILE A 85 2.15 28.45 -24.08
CA ILE A 85 1.73 27.95 -22.78
C ILE A 85 0.34 27.32 -22.88
N PRO A 86 0.18 26.05 -22.52
CA PRO A 86 -1.14 25.42 -22.62
C PRO A 86 -2.18 26.12 -21.75
N ASP A 87 -3.42 26.09 -22.21
CA ASP A 87 -4.52 26.70 -21.48
C ASP A 87 -5.21 25.64 -20.63
N HIS A 88 -4.47 25.19 -19.62
CA HIS A 88 -4.93 24.15 -18.71
C HIS A 88 -4.44 24.48 -17.32
N LYS A 89 -5.26 24.19 -16.32
CA LYS A 89 -4.82 24.32 -14.93
C LYS A 89 -3.63 23.40 -14.66
N GLU A 90 -2.58 23.98 -14.07
CA GLU A 90 -1.32 23.31 -13.77
C GLU A 90 -0.56 22.89 -15.02
N GLY A 91 -0.88 23.48 -16.18
CA GLY A 91 -0.09 23.26 -17.38
C GLY A 91 1.17 24.12 -17.40
N TYR A 92 2.06 23.81 -18.34
CA TYR A 92 3.30 24.57 -18.45
C TYR A 92 3.92 24.36 -19.83
N TYR A 93 4.98 25.13 -20.08
CA TYR A 93 5.73 25.09 -21.32
C TYR A 93 7.21 25.10 -20.98
N LEU A 94 7.94 24.11 -21.48
CA LEU A 94 9.37 23.99 -21.27
C LEU A 94 10.06 23.94 -22.62
N SER A 95 11.16 24.69 -22.73
CA SER A 95 11.95 24.70 -23.95
C SER A 95 13.42 24.83 -23.59
N VAL A 96 14.25 24.03 -24.26
CA VAL A 96 15.70 24.10 -24.12
C VAL A 96 16.30 24.03 -25.52
N ASN A 97 17.22 24.95 -25.82
CA ASN A 97 17.99 24.90 -27.06
C ASN A 97 19.32 25.60 -26.81
N GLU A 98 20.10 25.77 -27.89
CA GLU A 98 21.44 26.34 -27.76
C GLU A 98 21.43 27.78 -27.27
N LYS A 99 20.33 28.52 -27.47
CA LYS A 99 20.30 29.95 -27.18
C LYS A 99 19.67 30.29 -25.84
N GLU A 100 18.63 29.57 -25.39
CA GLU A 100 17.91 29.99 -24.20
C GLU A 100 17.15 28.81 -23.59
N ILE A 101 16.67 29.04 -22.36
CA ILE A 101 15.82 28.10 -21.64
C ILE A 101 14.56 28.83 -21.19
N VAL A 102 13.39 28.20 -21.35
CA VAL A 102 12.11 28.80 -21.04
C VAL A 102 11.33 27.87 -20.12
N LEU A 103 10.97 28.36 -18.94
CA LEU A 103 10.16 27.62 -17.97
C LEU A 103 8.92 28.45 -17.65
N ALA A 104 7.79 28.09 -18.26
CA ALA A 104 6.59 28.92 -18.18
C ALA A 104 5.39 28.06 -17.87
N GLY A 105 4.76 28.29 -16.71
CA GLY A 105 3.53 27.63 -16.35
C GLY A 105 2.31 28.49 -16.65
N ASN A 106 1.16 27.82 -16.82
CA ASN A 106 -0.12 28.53 -16.94
C ASN A 106 -0.48 29.24 -15.65
N ASP A 107 -0.09 28.67 -14.51
CA ASP A 107 -0.29 29.24 -13.19
C ASP A 107 0.93 28.89 -12.34
N GLU A 108 0.90 29.31 -11.07
CA GLU A 108 2.06 29.10 -10.21
C GLU A 108 2.39 27.62 -10.03
N ARG A 109 1.37 26.77 -9.95
CA ARG A 109 1.64 25.35 -9.83
C ARG A 109 2.20 24.77 -11.13
N GLY A 110 1.79 25.32 -12.27
CA GLY A 110 2.37 24.90 -13.53
C GLY A 110 3.86 25.17 -13.61
N THR A 111 4.30 26.33 -13.09
CA THR A 111 5.72 26.65 -13.11
C THR A 111 6.53 25.69 -12.23
N TYR A 112 5.99 25.32 -11.06
CA TYR A 112 6.67 24.36 -10.19
C TYR A 112 6.86 23.03 -10.92
N TYR A 113 5.76 22.43 -11.36
CA TYR A 113 5.81 21.19 -12.14
C TYR A 113 6.78 21.28 -13.31
N ALA A 114 6.86 22.44 -13.96
CA ALA A 114 7.85 22.63 -15.02
C ALA A 114 9.26 22.40 -14.50
N LEU A 115 9.52 22.84 -13.27
CA LEU A 115 10.85 22.64 -12.70
C LEU A 115 11.08 21.19 -12.29
N GLN A 116 10.02 20.43 -12.01
CA GLN A 116 10.18 19.02 -11.66
C GLN A 116 10.61 18.21 -12.87
N THR A 117 10.05 18.51 -14.04
CA THR A 117 10.51 17.87 -15.27
C THR A 117 11.93 18.30 -15.62
N PHE A 118 12.20 19.59 -15.52
CA PHE A 118 13.54 20.13 -15.74
C PHE A 118 14.61 19.34 -14.97
N ALA A 119 14.34 19.00 -13.70
CA ALA A 119 15.36 18.34 -12.87
C ALA A 119 15.70 16.95 -13.41
N GLN A 120 14.69 16.19 -13.85
CA GLN A 120 14.97 14.90 -14.45
C GLN A 120 15.81 15.03 -15.71
N LEU A 121 15.59 16.07 -16.51
CA LEU A 121 16.32 16.22 -17.77
C LEU A 121 17.82 16.44 -17.55
N LEU A 122 18.18 17.07 -16.43
CA LEU A 122 19.58 17.40 -16.16
C LEU A 122 20.35 16.15 -15.76
N LYS A 123 21.35 15.79 -16.57
CA LYS A 123 22.18 14.61 -16.33
C LYS A 123 23.61 14.94 -16.70
N ASP A 124 24.53 14.79 -15.75
CA ASP A 124 25.95 15.08 -15.96
C ASP A 124 26.18 16.52 -16.40
N GLY A 125 25.45 17.45 -15.77
CA GLY A 125 25.56 18.85 -16.12
C GLY A 125 25.17 19.19 -17.54
N LYS A 126 24.48 18.27 -18.23
CA LYS A 126 24.08 18.44 -19.62
C LYS A 126 22.58 18.28 -19.74
N LEU A 127 22.03 18.90 -20.79
CA LEU A 127 20.61 18.92 -21.07
C LEU A 127 20.36 18.57 -22.53
N PRO A 128 19.21 17.97 -22.85
CA PRO A 128 18.83 17.78 -24.24
C PRO A 128 18.10 18.98 -24.83
N GLU A 129 18.38 19.27 -26.09
CA GLU A 129 17.58 20.24 -26.83
C GLU A 129 16.18 19.65 -27.02
N VAL A 130 15.18 20.31 -26.45
CA VAL A 130 13.86 19.70 -26.29
C VAL A 130 12.82 20.80 -26.18
N GLU A 131 11.57 20.46 -26.49
CA GLU A 131 10.43 21.34 -26.28
C GLU A 131 9.27 20.50 -25.73
N ILE A 132 8.65 20.97 -24.66
CA ILE A 132 7.62 20.21 -23.96
C ILE A 132 6.41 21.11 -23.72
N LYS A 133 5.21 20.59 -24.00
CA LYS A 133 3.94 21.18 -23.59
C LYS A 133 3.15 20.13 -22.83
N ASP A 134 2.78 20.44 -21.59
CA ASP A 134 2.34 19.43 -20.64
C ASP A 134 1.24 19.96 -19.73
N TYR A 135 0.45 19.04 -19.19
CA TYR A 135 -0.65 19.32 -18.27
C TYR A 135 -1.23 17.97 -17.81
N PRO A 136 -2.01 17.97 -16.72
CA PRO A 136 -2.54 16.70 -16.20
C PRO A 136 -3.90 16.34 -16.78
N SER A 137 -4.09 15.04 -17.03
CA SER A 137 -5.37 14.55 -17.54
C SER A 137 -6.43 14.46 -16.44
N VAL A 138 -6.01 14.19 -15.20
CA VAL A 138 -6.92 14.10 -14.06
C VAL A 138 -6.68 15.31 -13.17
N ARG A 139 -7.77 15.89 -12.67
CA ARG A 139 -7.68 17.15 -11.92
C ARG A 139 -6.97 16.97 -10.58
N TYR A 140 -7.42 16.01 -9.76
CA TYR A 140 -6.81 15.75 -8.46
C TYR A 140 -6.18 14.36 -8.45
N ARG A 141 -4.89 14.29 -8.09
CA ARG A 141 -4.12 13.06 -8.04
C ARG A 141 -3.29 13.02 -6.76
N GLY A 142 -3.29 11.87 -6.06
CA GLY A 142 -2.55 11.82 -4.80
C GLY A 142 -2.79 10.58 -3.94
N VAL A 143 -2.70 10.79 -2.63
CA VAL A 143 -2.68 9.73 -1.62
C VAL A 143 -3.74 10.03 -0.56
N VAL A 144 -4.42 8.99 -0.08
CA VAL A 144 -5.29 9.08 1.08
C VAL A 144 -4.80 8.07 2.11
N GLU A 145 -4.35 8.56 3.26
CA GLU A 145 -3.96 7.71 4.39
C GLU A 145 -5.23 7.43 5.18
N GLY A 146 -5.95 6.38 4.80
CA GLY A 146 -7.22 6.07 5.42
C GLY A 146 -7.38 4.61 5.79
N PHE A 147 -6.27 3.94 6.07
CA PHE A 147 -6.27 2.53 6.40
C PHE A 147 -6.47 2.31 7.90
N TYR A 148 -6.64 1.05 8.27
CA TYR A 148 -6.68 0.62 9.67
C TYR A 148 -5.31 0.12 10.08
N GLY A 149 -4.87 0.51 11.28
CA GLY A 149 -3.61 0.04 11.79
C GLY A 149 -2.76 1.20 12.29
N THR A 150 -1.48 0.93 12.49
CA THR A 150 -0.56 1.92 13.03
C THR A 150 -0.41 3.08 12.06
N PRO A 151 -0.81 4.30 12.43
CA PRO A 151 -0.71 5.42 11.49
C PRO A 151 0.74 5.76 11.20
N TRP A 152 0.92 6.43 10.05
CA TRP A 152 2.26 6.83 9.63
C TRP A 152 2.90 7.74 10.67
N SER A 153 4.19 7.50 10.94
CA SER A 153 4.93 8.39 11.83
C SER A 153 5.06 9.78 11.21
N HIS A 154 5.40 10.75 12.07
CA HIS A 154 5.56 12.13 11.61
C HIS A 154 6.69 12.26 10.61
N GLN A 155 7.77 11.50 10.80
CA GLN A 155 8.90 11.58 9.87
C GLN A 155 8.53 10.98 8.52
N ALA A 156 7.77 9.89 8.53
CA ALA A 156 7.34 9.27 7.28
C ALA A 156 6.50 10.24 6.44
N ARG A 157 5.60 10.98 7.09
CA ARG A 157 4.72 11.88 6.35
C ARG A 157 5.50 13.05 5.75
N LEU A 158 6.48 13.59 6.50
CA LEU A 158 7.36 14.60 5.92
C LEU A 158 8.01 14.13 4.63
N SER A 159 8.47 12.87 4.61
CA SER A 159 9.11 12.32 3.41
C SER A 159 8.10 12.03 2.31
N GLN A 160 6.88 11.63 2.68
CA GLN A 160 5.83 11.43 1.69
C GLN A 160 5.54 12.71 0.90
N LEU A 161 5.40 13.83 1.63
CA LEU A 161 4.97 15.08 1.00
C LEU A 161 6.01 15.60 0.00
N LYS A 162 7.30 15.40 0.26
CA LYS A 162 8.29 15.78 -0.72
C LYS A 162 8.26 14.84 -1.93
N PHE A 163 7.96 13.56 -1.70
CA PHE A 163 7.83 12.60 -2.78
C PHE A 163 6.70 12.97 -3.73
N TYR A 164 5.60 13.53 -3.19
CA TYR A 164 4.46 13.85 -4.04
C TYR A 164 4.76 15.02 -4.97
N GLY A 165 5.48 16.02 -4.49
CA GLY A 165 5.76 17.19 -5.31
C GLY A 165 6.66 16.88 -6.49
N LYS A 166 7.62 15.98 -6.29
CA LYS A 166 8.49 15.54 -7.37
C LYS A 166 7.72 14.81 -8.47
N ASN A 167 6.65 14.11 -8.10
CA ASN A 167 5.86 13.34 -9.06
C ASN A 167 4.53 14.02 -9.37
N LYS A 168 4.42 15.31 -9.07
CA LYS A 168 3.26 16.13 -9.44
C LYS A 168 1.96 15.57 -8.87
N MET A 169 2.02 15.08 -7.63
CA MET A 169 0.82 14.73 -6.89
C MET A 169 0.37 15.96 -6.10
N ASN A 170 -0.91 16.30 -6.21
CA ASN A 170 -1.39 17.57 -5.66
C ASN A 170 -2.39 17.38 -4.52
N THR A 171 -2.48 16.19 -3.94
CA THR A 171 -3.52 15.90 -2.97
C THR A 171 -3.03 14.88 -1.95
N TYR A 172 -3.09 15.25 -0.67
CA TYR A 172 -2.83 14.34 0.46
C TYR A 172 -4.02 14.42 1.41
N ILE A 173 -4.79 13.34 1.50
CA ILE A 173 -5.98 13.28 2.34
C ILE A 173 -5.63 12.56 3.64
N TYR A 174 -5.76 13.26 4.75
CA TYR A 174 -5.40 12.74 6.06
C TYR A 174 -6.63 12.15 6.74
N GLY A 175 -6.60 10.84 7.01
CA GLY A 175 -7.65 10.22 7.79
C GLY A 175 -7.35 8.81 8.29
N PRO A 176 -6.31 8.65 9.12
CA PRO A 176 -6.05 7.31 9.68
C PRO A 176 -7.15 6.89 10.64
N LYS A 177 -7.68 5.68 10.42
CA LYS A 177 -8.86 5.23 11.15
C LYS A 177 -8.60 5.11 12.65
N ASP A 178 -7.35 4.86 13.05
CA ASP A 178 -7.04 4.68 14.46
C ASP A 178 -6.59 5.97 15.14
N ASP A 179 -6.80 7.13 14.50
CA ASP A 179 -6.53 8.42 15.12
C ASP A 179 -7.77 8.86 15.87
N PRO A 180 -7.74 8.95 17.20
CA PRO A 180 -8.97 9.23 17.96
C PRO A 180 -9.51 10.64 17.76
N TYR A 181 -8.67 11.62 17.43
CA TYR A 181 -9.16 12.95 17.15
C TYR A 181 -9.69 13.10 15.72
N HIS A 182 -9.50 12.09 14.88
CA HIS A 182 -10.11 12.06 13.54
C HIS A 182 -11.43 11.29 13.55
N SER A 183 -11.52 10.23 14.34
CA SER A 183 -12.71 9.38 14.37
C SER A 183 -13.23 9.22 15.79
N ALA A 184 -13.83 8.08 16.09
CA ALA A 184 -14.28 7.81 17.46
C ALA A 184 -13.07 7.67 18.38
N PRO A 185 -13.17 8.16 19.63
CA PRO A 185 -14.34 8.85 20.18
C PRO A 185 -14.22 10.38 20.25
N ASN A 186 -13.03 10.92 20.04
CA ASN A 186 -12.74 12.31 20.36
C ASN A 186 -12.70 13.22 19.12
N TRP A 187 -13.50 12.94 18.10
CA TRP A 187 -13.48 13.78 16.91
C TRP A 187 -14.01 15.19 17.18
N ARG A 188 -14.66 15.41 18.32
CA ARG A 188 -15.13 16.73 18.71
C ARG A 188 -14.05 17.57 19.39
N LEU A 189 -12.89 17.00 19.66
CA LEU A 189 -11.89 17.68 20.47
C LEU A 189 -10.74 18.19 19.62
N PRO A 190 -10.26 19.40 19.86
CA PRO A 190 -9.06 19.87 19.14
C PRO A 190 -7.85 19.02 19.51
N TYR A 191 -6.92 18.92 18.57
CA TYR A 191 -5.72 18.13 18.80
C TYR A 191 -4.93 18.72 19.97
N PRO A 192 -4.28 17.88 20.78
CA PRO A 192 -3.38 18.39 21.82
C PRO A 192 -2.23 19.18 21.20
N ASP A 193 -1.54 19.94 22.06
CA ASP A 193 -0.53 20.88 21.58
C ASP A 193 0.57 20.18 20.77
N LYS A 194 1.00 19.01 21.23
CA LYS A 194 2.06 18.28 20.52
C LYS A 194 1.61 17.89 19.12
N GLU A 195 0.41 17.33 19.01
CA GLU A 195 -0.11 16.88 17.73
C GLU A 195 -0.45 18.07 16.83
N ALA A 196 -0.89 19.19 17.42
CA ALA A 196 -1.27 20.37 16.62
C ALA A 196 -0.06 21.01 15.97
N ALA A 197 1.02 21.21 16.72
CA ALA A 197 2.23 21.75 16.11
C ALA A 197 2.78 20.83 15.02
N GLN A 198 2.63 19.51 15.17
CA GLN A 198 3.07 18.59 14.13
C GLN A 198 2.25 18.74 12.86
N LEU A 199 0.92 18.83 13.00
CA LEU A 199 0.07 19.03 11.82
C LEU A 199 0.34 20.38 11.17
N GLN A 200 0.66 21.40 11.98
CA GLN A 200 1.00 22.70 11.44
C GLN A 200 2.26 22.65 10.59
N GLU A 201 3.22 21.79 10.95
CA GLU A 201 4.43 21.63 10.16
C GLU A 201 4.15 20.89 8.86
N LEU A 202 3.28 19.87 8.92
CA LEU A 202 2.90 19.15 7.70
C LEU A 202 2.26 20.09 6.68
N VAL A 203 1.40 21.00 7.15
CA VAL A 203 0.74 21.94 6.23
C VAL A 203 1.78 22.83 5.55
N ALA A 204 2.72 23.35 6.34
CA ALA A 204 3.78 24.19 5.77
C ALA A 204 4.57 23.43 4.70
N VAL A 205 4.98 22.21 5.02
CA VAL A 205 5.78 21.41 4.08
C VAL A 205 4.98 21.09 2.83
N ALA A 206 3.69 20.82 2.99
CA ALA A 206 2.86 20.48 1.84
C ALA A 206 2.61 21.71 0.95
N ASN A 207 2.54 22.90 1.56
CA ASN A 207 2.49 24.13 0.78
C ASN A 207 3.74 24.30 -0.07
N GLU A 208 4.92 24.02 0.52
CA GLU A 208 6.17 24.16 -0.22
C GLU A 208 6.27 23.19 -1.39
N ASN A 209 5.52 22.09 -1.35
CA ASN A 209 5.58 21.07 -2.38
C ASN A 209 4.37 21.11 -3.29
N GLU A 210 3.53 22.14 -3.16
CA GLU A 210 2.35 22.33 -4.00
C GLU A 210 1.34 21.19 -3.83
N VAL A 211 1.20 20.72 -2.59
CA VAL A 211 0.26 19.65 -2.25
C VAL A 211 -0.86 20.23 -1.40
N ASP A 212 -2.10 19.95 -1.78
CA ASP A 212 -3.26 20.29 -0.95
C ASP A 212 -3.36 19.33 0.22
N PHE A 213 -3.30 19.85 1.44
CA PHE A 213 -3.51 19.04 2.64
C PHE A 213 -5.02 19.02 2.92
N VAL A 214 -5.65 17.88 2.62
CA VAL A 214 -7.05 17.66 2.98
C VAL A 214 -7.10 16.95 4.33
N TRP A 215 -7.75 17.57 5.31
CA TRP A 215 -7.96 16.94 6.61
C TRP A 215 -9.38 16.40 6.70
N ALA A 216 -9.51 15.08 6.81
CA ALA A 216 -10.83 14.47 6.91
C ALA A 216 -11.25 14.30 8.36
N ILE A 217 -12.53 13.97 8.55
CA ILE A 217 -13.12 13.67 9.85
C ILE A 217 -14.14 12.57 9.66
N HIS A 218 -14.24 11.68 10.66
CA HIS A 218 -15.02 10.44 10.58
C HIS A 218 -15.94 10.40 11.79
N PRO A 219 -17.07 11.10 11.74
CA PRO A 219 -17.91 11.27 12.94
C PRO A 219 -19.20 10.45 12.97
N GLY A 220 -19.44 9.60 11.98
CA GLY A 220 -20.77 9.07 11.76
C GLY A 220 -21.25 8.04 12.76
N GLN A 221 -20.35 7.45 13.56
CA GLN A 221 -20.76 6.35 14.42
C GLN A 221 -21.62 6.83 15.59
N ASP A 222 -21.39 8.05 16.09
CA ASP A 222 -22.20 8.56 17.20
C ASP A 222 -22.62 10.01 16.96
N ILE A 223 -22.82 10.40 15.71
CA ILE A 223 -23.27 11.75 15.39
C ILE A 223 -24.77 11.86 15.65
N LYS A 224 -25.20 13.03 16.09
CA LYS A 224 -26.61 13.32 16.31
C LYS A 224 -26.99 14.51 15.43
N TRP A 225 -28.12 14.39 14.73
CA TRP A 225 -28.55 15.41 13.78
C TRP A 225 -29.25 16.57 14.50
N ASN A 226 -28.54 17.15 15.46
CA ASN A 226 -28.99 18.37 16.13
C ASN A 226 -27.95 19.45 15.91
N LYS A 227 -28.18 20.60 16.55
CA LYS A 227 -27.31 21.76 16.37
C LYS A 227 -26.06 21.68 17.23
N GLU A 228 -26.05 20.88 18.30
CA GLU A 228 -24.86 20.77 19.14
C GLU A 228 -23.71 20.09 18.40
N ASP A 229 -23.97 18.95 17.75
CA ASP A 229 -22.90 18.25 17.04
C ASP A 229 -22.52 18.98 15.76
N ARG A 230 -23.51 19.59 15.09
CA ARG A 230 -23.21 20.36 13.88
C ARG A 230 -22.29 21.53 14.19
N ASP A 231 -22.55 22.25 15.29
CA ASP A 231 -21.69 23.36 15.67
C ASP A 231 -20.30 22.87 16.08
N LEU A 232 -20.23 21.71 16.76
CA LEU A 232 -18.94 21.20 17.20
C LEU A 232 -18.09 20.76 16.03
N LEU A 233 -18.68 20.08 15.04
CA LEU A 233 -17.94 19.73 13.84
C LEU A 233 -17.37 20.97 13.15
N LEU A 234 -18.14 22.07 13.12
CA LEU A 234 -17.65 23.29 12.49
C LEU A 234 -16.54 23.93 13.32
N ALA A 235 -16.67 23.93 14.65
CA ALA A 235 -15.63 24.50 15.50
C ALA A 235 -14.32 23.73 15.38
N LYS A 236 -14.38 22.41 15.17
CA LYS A 236 -13.18 21.65 14.88
C LYS A 236 -12.58 22.07 13.54
N PHE A 237 -13.42 22.11 12.50
CA PHE A 237 -12.95 22.61 11.20
C PHE A 237 -12.29 23.98 11.32
N GLU A 238 -12.84 24.84 12.18
CA GLU A 238 -12.22 26.15 12.39
C GLU A 238 -10.86 26.02 13.05
N LYS A 239 -10.75 25.14 14.05
CA LYS A 239 -9.47 24.87 14.69
C LYS A 239 -8.45 24.36 13.68
N MET A 240 -8.83 23.38 12.87
CA MET A 240 -7.94 22.92 11.81
C MET A 240 -7.58 24.06 10.86
N TYR A 241 -8.52 24.98 10.61
CA TYR A 241 -8.24 26.11 9.73
C TYR A 241 -7.15 27.01 10.34
N GLN A 242 -7.18 27.20 11.66
CA GLN A 242 -6.18 28.05 12.29
C GLN A 242 -4.78 27.46 12.20
N LEU A 243 -4.67 26.14 12.04
CA LEU A 243 -3.39 25.46 11.88
C LEU A 243 -2.89 25.47 10.44
N GLY A 244 -3.63 26.07 9.50
CA GLY A 244 -3.22 26.16 8.11
C GLY A 244 -4.11 25.45 7.12
N VAL A 245 -4.92 24.50 7.57
CA VAL A 245 -5.67 23.64 6.64
C VAL A 245 -6.61 24.46 5.78
N ARG A 246 -6.60 24.19 4.47
CA ARG A 246 -7.49 24.85 3.52
C ARG A 246 -8.32 23.88 2.69
N SER A 247 -8.21 22.57 2.91
CA SER A 247 -9.09 21.59 2.26
C SER A 247 -9.59 20.60 3.29
N PHE A 248 -10.84 20.15 3.10
CA PHE A 248 -11.55 19.44 4.16
C PHE A 248 -12.40 18.32 3.58
N ALA A 249 -12.61 17.28 4.40
CA ALA A 249 -13.38 16.10 4.00
C ALA A 249 -14.17 15.56 5.19
N VAL A 250 -15.29 14.91 4.87
CA VAL A 250 -16.14 14.24 5.86
C VAL A 250 -16.38 12.81 5.40
N PHE A 251 -15.96 11.84 6.20
CA PHE A 251 -16.06 10.42 5.86
C PHE A 251 -17.25 9.79 6.58
N PHE A 252 -18.07 9.03 5.84
CA PHE A 252 -19.18 8.27 6.40
C PHE A 252 -19.08 6.78 6.07
N ASP A 253 -17.87 6.25 5.97
CA ASP A 253 -17.67 4.85 5.62
C ASP A 253 -17.59 3.98 6.89
N ASP A 254 -18.16 2.77 6.78
CA ASP A 254 -18.07 1.74 7.82
C ASP A 254 -18.68 2.22 9.14
N ILE A 255 -19.97 2.54 9.09
CA ILE A 255 -20.73 2.96 10.26
C ILE A 255 -22.14 2.40 10.18
N SER A 256 -22.81 2.37 11.33
CA SER A 256 -24.19 1.96 11.43
C SER A 256 -24.97 3.00 12.23
N GLY A 257 -26.29 3.01 12.03
CA GLY A 257 -27.14 3.90 12.79
C GLY A 257 -27.60 5.13 12.02
N GLU A 258 -27.87 6.22 12.75
CA GLU A 258 -28.45 7.41 12.14
C GLU A 258 -27.48 8.14 11.20
N GLY A 259 -26.18 7.88 11.32
CA GLY A 259 -25.22 8.52 10.45
C GLY A 259 -25.30 8.10 8.99
N THR A 260 -26.07 7.07 8.68
CA THR A 260 -26.21 6.59 7.31
C THR A 260 -27.30 7.30 6.53
N ASN A 261 -27.99 8.27 7.13
CA ASN A 261 -29.08 8.96 6.46
C ASN A 261 -28.56 9.84 5.33
N PRO A 262 -28.87 9.55 4.07
CA PRO A 262 -28.34 10.37 2.98
C PRO A 262 -28.87 11.80 3.00
N GLN A 263 -30.11 12.01 3.45
CA GLN A 263 -30.64 13.37 3.49
C GLN A 263 -29.89 14.23 4.50
N LYS A 264 -29.61 13.68 5.69
CA LYS A 264 -28.89 14.43 6.71
C LYS A 264 -27.42 14.62 6.32
N GLN A 265 -26.82 13.61 5.68
CA GLN A 265 -25.44 13.73 5.24
C GLN A 265 -25.28 14.88 4.25
N ALA A 266 -26.17 14.93 3.25
CA ALA A 266 -26.08 15.98 2.24
C ALA A 266 -26.31 17.35 2.86
N GLU A 267 -27.28 17.47 3.77
CA GLU A 267 -27.56 18.76 4.39
C GLU A 267 -26.38 19.26 5.20
N LEU A 268 -25.65 18.33 5.84
CA LEU A 268 -24.46 18.72 6.60
C LEU A 268 -23.37 19.26 5.68
N LEU A 269 -23.12 18.58 4.57
CA LEU A 269 -22.08 19.02 3.65
C LEU A 269 -22.45 20.33 2.97
N ASN A 270 -23.75 20.52 2.67
CA ASN A 270 -24.20 21.78 2.10
C ASN A 270 -24.11 22.92 3.11
N TYR A 271 -24.31 22.62 4.40
CA TYR A 271 -24.16 23.63 5.44
C TYR A 271 -22.69 24.01 5.61
N ILE A 272 -21.79 23.04 5.50
CA ILE A 272 -20.36 23.33 5.57
C ILE A 272 -19.94 24.19 4.39
N ASP A 273 -20.50 23.91 3.21
CA ASP A 273 -20.21 24.71 2.03
C ASP A 273 -20.60 26.17 2.25
N GLU A 274 -21.84 26.39 2.69
CA GLU A 274 -22.41 27.73 2.64
C GLU A 274 -21.92 28.62 3.77
N LYS A 275 -21.69 28.06 4.97
CA LYS A 275 -21.31 28.87 6.10
C LYS A 275 -19.83 28.78 6.46
N PHE A 276 -19.06 27.95 5.76
CA PHE A 276 -17.63 27.85 6.05
C PHE A 276 -16.81 27.96 4.77
N ALA A 277 -17.08 27.09 3.79
CA ALA A 277 -16.29 27.07 2.57
C ALA A 277 -16.57 28.28 1.69
N GLN A 278 -17.77 28.87 1.79
CA GLN A 278 -18.10 30.07 1.02
C GLN A 278 -17.85 31.35 1.81
N VAL A 279 -17.54 31.26 3.09
CA VAL A 279 -17.23 32.43 3.90
C VAL A 279 -15.73 32.71 3.97
N LYS A 280 -14.90 31.70 3.78
CA LYS A 280 -13.46 31.89 3.80
C LYS A 280 -12.96 32.34 2.44
N PRO A 281 -11.79 32.98 2.39
CA PRO A 281 -11.26 33.45 1.10
C PRO A 281 -10.42 32.46 0.30
N ASP A 282 -10.06 31.30 0.85
CA ASP A 282 -8.97 30.52 0.26
C ASP A 282 -9.14 29.02 0.49
N ILE A 283 -10.38 28.52 0.40
CA ILE A 283 -10.66 27.09 0.59
C ILE A 283 -10.74 26.40 -0.77
N ASN A 284 -10.09 25.23 -0.88
CA ASN A 284 -9.96 24.55 -2.16
C ASN A 284 -10.92 23.36 -2.20
N GLN A 285 -10.49 22.15 -1.86
CA GLN A 285 -11.30 20.96 -2.03
C GLN A 285 -12.26 20.78 -0.86
N LEU A 286 -13.45 20.26 -1.16
CA LEU A 286 -14.43 19.86 -0.15
C LEU A 286 -15.02 18.52 -0.59
N VAL A 287 -14.70 17.46 0.15
CA VAL A 287 -14.91 16.08 -0.30
C VAL A 287 -15.67 15.31 0.77
N MET A 288 -16.52 14.37 0.34
CA MET A 288 -17.14 13.44 1.27
C MET A 288 -17.07 12.02 0.74
N CYS A 289 -17.01 11.05 1.67
CA CYS A 289 -17.04 9.63 1.36
C CYS A 289 -18.39 9.05 1.77
N PRO A 290 -19.12 8.42 0.87
CA PRO A 290 -20.46 7.93 1.21
C PRO A 290 -20.42 6.65 2.02
N THR A 291 -21.57 6.33 2.63
CA THR A 291 -21.71 5.08 3.36
C THR A 291 -21.70 3.89 2.43
N GLU A 292 -22.42 3.98 1.31
CA GLU A 292 -22.35 2.99 0.24
C GLU A 292 -21.33 3.48 -0.77
N TYR A 293 -20.10 2.97 -0.68
CA TYR A 293 -18.98 3.44 -1.49
C TYR A 293 -18.51 2.43 -2.51
N ASN A 294 -19.27 1.36 -2.76
CA ASN A 294 -18.98 0.44 -3.85
C ASN A 294 -20.28 -0.20 -4.30
N LYS A 295 -20.28 -0.66 -5.55
CA LYS A 295 -21.50 -1.17 -6.17
C LYS A 295 -22.04 -2.39 -5.44
N SER A 296 -21.18 -3.37 -5.17
CA SER A 296 -21.58 -4.62 -4.56
C SER A 296 -22.31 -4.42 -3.23
N TRP A 297 -22.02 -3.35 -2.51
CA TRP A 297 -22.59 -3.15 -1.18
C TRP A 297 -23.74 -2.15 -1.16
N SER A 298 -24.07 -1.53 -2.29
CA SER A 298 -25.19 -0.62 -2.34
C SER A 298 -26.50 -1.40 -2.35
N ASN A 299 -27.59 -0.69 -2.04
CA ASN A 299 -28.89 -1.31 -1.91
C ASN A 299 -29.67 -1.19 -3.21
N PRO A 300 -30.08 -2.30 -3.83
CA PRO A 300 -30.92 -2.18 -5.03
C PRO A 300 -32.31 -1.63 -4.75
N ASN A 301 -32.93 -2.07 -3.64
CA ASN A 301 -34.23 -1.55 -3.23
C ASN A 301 -34.14 -0.21 -2.51
N GLY A 302 -33.21 0.65 -2.92
CA GLY A 302 -32.99 1.90 -2.21
C GLY A 302 -32.73 3.09 -3.11
N ASN A 303 -32.24 4.18 -2.49
CA ASN A 303 -32.03 5.43 -3.20
C ASN A 303 -30.95 6.28 -2.53
N TYR A 304 -30.03 5.65 -1.81
CA TYR A 304 -28.99 6.40 -1.10
C TYR A 304 -28.17 7.25 -2.07
N LEU A 305 -27.72 6.64 -3.17
CA LEU A 305 -26.80 7.34 -4.07
C LEU A 305 -27.52 8.40 -4.89
N THR A 306 -28.77 8.15 -5.28
CA THR A 306 -29.52 9.16 -6.02
C THR A 306 -29.94 10.31 -5.11
N THR A 307 -30.14 10.05 -3.82
CA THR A 307 -30.45 11.13 -2.89
C THR A 307 -29.27 12.07 -2.73
N LEU A 308 -28.07 11.52 -2.55
CA LEU A 308 -26.87 12.35 -2.50
C LEU A 308 -26.68 13.11 -3.81
N GLY A 309 -26.87 12.43 -4.94
CA GLY A 309 -26.64 13.06 -6.23
C GLY A 309 -27.53 14.25 -6.49
N ASP A 310 -28.77 14.21 -6.00
CA ASP A 310 -29.71 15.31 -6.21
C ASP A 310 -29.57 16.42 -5.19
N LYS A 311 -29.13 16.09 -3.97
CA LYS A 311 -29.10 17.07 -2.88
C LYS A 311 -27.74 17.75 -2.71
N LEU A 312 -26.65 17.03 -2.96
CA LEU A 312 -25.31 17.58 -2.72
C LEU A 312 -25.02 18.72 -3.68
N ASN A 313 -24.50 19.82 -3.15
CA ASN A 313 -24.09 20.94 -3.97
C ASN A 313 -23.14 20.47 -5.07
N PRO A 314 -23.20 21.05 -6.26
CA PRO A 314 -22.40 20.53 -7.39
C PRO A 314 -20.90 20.62 -7.18
N SER A 315 -20.41 21.55 -6.35
CA SER A 315 -18.98 21.69 -6.13
C SER A 315 -18.40 20.66 -5.16
N ILE A 316 -19.23 19.84 -4.52
CA ILE A 316 -18.76 18.89 -3.51
C ILE A 316 -18.51 17.54 -4.17
N GLN A 317 -17.34 16.96 -3.92
CA GLN A 317 -16.94 15.69 -4.51
C GLN A 317 -17.51 14.52 -3.72
N ILE A 318 -17.66 13.39 -4.41
CA ILE A 318 -18.14 12.14 -3.82
C ILE A 318 -17.15 11.04 -4.16
N MET A 319 -16.77 10.25 -3.15
CA MET A 319 -15.76 9.23 -3.30
C MET A 319 -16.39 7.87 -3.64
N TRP A 320 -15.54 6.96 -4.12
CA TRP A 320 -16.00 5.68 -4.67
C TRP A 320 -14.82 4.75 -4.90
N THR A 321 -14.92 3.49 -4.44
CA THR A 321 -13.83 2.53 -4.60
C THR A 321 -14.00 1.64 -5.83
N GLY A 322 -15.16 1.66 -6.48
CA GLY A 322 -15.39 0.89 -7.68
C GLY A 322 -16.53 -0.11 -7.52
N ASP A 323 -16.38 -1.25 -8.20
CA ASP A 323 -17.43 -2.27 -8.15
C ASP A 323 -17.42 -3.01 -6.81
N ARG A 324 -16.28 -3.06 -6.13
CA ARG A 324 -16.15 -3.72 -4.84
C ARG A 324 -15.21 -2.90 -3.96
N VAL A 325 -15.05 -3.34 -2.71
CA VAL A 325 -14.16 -2.64 -1.78
C VAL A 325 -12.74 -2.63 -2.33
N ILE A 326 -12.28 -3.77 -2.83
CA ILE A 326 -11.03 -3.88 -3.58
C ILE A 326 -11.41 -4.20 -5.01
N SER A 327 -11.09 -3.30 -5.94
CA SER A 327 -11.49 -3.50 -7.32
C SER A 327 -10.68 -2.61 -8.24
N ASP A 328 -10.65 -3.00 -9.51
CA ASP A 328 -10.10 -2.17 -10.58
C ASP A 328 -11.20 -1.30 -11.18
N ILE A 329 -10.80 -0.14 -11.68
CA ILE A 329 -11.73 0.88 -12.16
C ILE A 329 -11.90 0.73 -13.67
N THR A 330 -13.10 0.40 -14.11
CA THR A 330 -13.41 0.15 -15.52
C THR A 330 -14.29 1.28 -16.07
N ARG A 331 -14.60 1.18 -17.36
CA ARG A 331 -15.49 2.15 -17.99
C ARG A 331 -16.95 1.86 -17.64
N ASP A 332 -17.32 0.58 -17.54
CA ASP A 332 -18.66 0.22 -17.09
C ASP A 332 -18.90 0.67 -15.65
N GLY A 333 -17.91 0.45 -14.78
CA GLY A 333 -18.10 0.74 -13.37
C GLY A 333 -18.24 2.22 -13.07
N ILE A 334 -17.48 3.06 -13.77
CA ILE A 334 -17.54 4.50 -13.48
C ILE A 334 -18.76 5.13 -14.13
N SER A 335 -19.25 4.57 -15.23
CA SER A 335 -20.50 5.07 -15.80
C SER A 335 -21.69 4.68 -14.94
N TRP A 336 -21.57 3.57 -14.19
CA TRP A 336 -22.65 3.14 -13.32
C TRP A 336 -22.85 4.10 -12.15
N ILE A 337 -21.75 4.63 -11.60
CA ILE A 337 -21.86 5.53 -10.45
C ILE A 337 -22.09 6.97 -10.90
N ASN A 338 -21.48 7.39 -12.00
CA ASN A 338 -21.64 8.78 -12.46
C ASN A 338 -23.07 9.09 -12.84
N GLU A 339 -23.80 8.11 -13.36
CA GLU A 339 -25.20 8.36 -13.71
C GLU A 339 -26.06 8.60 -12.48
N ARG A 340 -25.67 8.04 -11.33
CA ARG A 340 -26.47 8.16 -10.12
C ARG A 340 -26.09 9.40 -9.30
N ILE A 341 -24.79 9.62 -9.09
CA ILE A 341 -24.35 10.79 -8.30
C ILE A 341 -24.33 12.07 -9.12
N LYS A 342 -24.57 11.99 -10.43
CA LYS A 342 -24.74 13.16 -11.30
C LYS A 342 -23.49 14.04 -11.33
N ARG A 343 -22.32 13.41 -11.33
CA ARG A 343 -21.04 14.11 -11.38
C ARG A 343 -19.94 13.06 -11.55
N PRO A 344 -18.74 13.47 -11.99
CA PRO A 344 -17.63 12.51 -12.09
C PRO A 344 -17.14 12.08 -10.72
N ALA A 345 -16.87 10.78 -10.58
CA ALA A 345 -16.54 10.20 -9.29
C ALA A 345 -15.10 10.52 -8.90
N TYR A 346 -14.88 10.61 -7.58
CA TYR A 346 -13.57 10.86 -6.99
C TYR A 346 -13.05 9.50 -6.49
N ILE A 347 -12.16 8.87 -7.26
CA ILE A 347 -11.83 7.46 -7.03
C ILE A 347 -10.94 7.30 -5.80
N TRP A 348 -11.32 6.38 -4.92
CA TRP A 348 -10.52 5.93 -3.78
C TRP A 348 -10.13 4.49 -4.09
N TRP A 349 -8.88 4.28 -4.48
CA TRP A 349 -8.43 2.97 -4.97
C TRP A 349 -7.69 2.23 -3.86
N ASN A 350 -8.22 1.08 -3.44
CA ASN A 350 -7.69 0.35 -2.28
C ASN A 350 -6.56 -0.61 -2.71
N PHE A 351 -5.43 0.01 -3.04
CA PHE A 351 -4.18 -0.69 -3.30
C PHE A 351 -3.06 0.33 -3.19
N PRO A 352 -1.92 0.00 -2.57
CA PRO A 352 -1.55 -1.33 -2.06
C PRO A 352 -1.95 -1.63 -0.60
N VAL A 353 -2.97 -0.95 -0.07
CA VAL A 353 -3.38 -1.14 1.32
C VAL A 353 -3.45 -2.63 1.68
N SER A 354 -2.98 -2.97 2.88
CA SER A 354 -2.88 -4.36 3.31
C SER A 354 -3.40 -4.58 4.72
N ASP A 355 -4.29 -3.70 5.21
CA ASP A 355 -4.75 -3.81 6.59
C ASP A 355 -5.67 -5.01 6.83
N TYR A 356 -5.95 -5.82 5.80
CA TYR A 356 -6.66 -7.06 5.97
C TYR A 356 -5.79 -8.28 5.64
N VAL A 357 -4.53 -8.06 5.28
CA VAL A 357 -3.55 -9.11 5.04
C VAL A 357 -2.22 -8.62 5.59
N ARG A 358 -2.17 -8.36 6.90
CA ARG A 358 -1.07 -7.63 7.51
C ARG A 358 0.23 -8.42 7.56
N ASP A 359 0.21 -9.72 7.26
CA ASP A 359 1.44 -10.51 7.20
C ASP A 359 2.08 -10.51 5.82
N HIS A 360 1.50 -9.80 4.85
CA HIS A 360 2.06 -9.73 3.51
C HIS A 360 2.55 -8.32 3.20
N LEU A 361 3.56 -8.24 2.34
CA LEU A 361 3.97 -7.00 1.70
C LEU A 361 3.47 -7.01 0.26
N LEU A 362 2.86 -5.91 -0.18
CA LEU A 362 2.34 -5.80 -1.53
C LEU A 362 3.20 -4.77 -2.27
N LEU A 363 4.25 -5.27 -2.94
CA LEU A 363 5.22 -4.41 -3.60
C LEU A 363 5.22 -4.58 -5.12
N GLY A 364 4.15 -5.14 -5.67
CA GLY A 364 4.07 -5.37 -7.11
C GLY A 364 3.61 -4.14 -7.87
N PRO A 365 3.53 -4.28 -9.18
CA PRO A 365 3.17 -3.13 -10.04
C PRO A 365 1.69 -2.75 -9.93
N VAL A 366 1.41 -1.53 -10.36
CA VAL A 366 0.05 -1.01 -10.43
C VAL A 366 -0.51 -1.31 -11.81
N TYR A 367 -1.68 -1.96 -11.86
CA TYR A 367 -2.28 -2.34 -13.13
C TYR A 367 -3.75 -2.67 -12.92
N GLY A 368 -4.49 -2.76 -14.03
CA GLY A 368 -5.88 -3.13 -14.02
C GLY A 368 -6.87 -2.00 -14.24
N ASN A 369 -6.43 -0.74 -14.22
CA ASN A 369 -7.34 0.40 -14.33
C ASN A 369 -7.38 0.88 -15.78
N ASP A 370 -8.59 1.07 -16.30
CA ASP A 370 -8.78 1.54 -17.66
C ASP A 370 -8.03 2.84 -17.89
N THR A 371 -7.40 2.97 -19.06
CA THR A 371 -6.53 4.10 -19.34
C THR A 371 -7.18 5.15 -20.25
N THR A 372 -8.49 5.06 -20.47
CA THR A 372 -9.18 5.98 -21.39
C THR A 372 -10.30 6.77 -20.72
N ILE A 373 -10.38 6.80 -19.39
CA ILE A 373 -11.54 7.37 -18.71
C ILE A 373 -11.16 8.58 -17.88
N ALA A 374 -10.07 9.26 -18.25
CA ALA A 374 -9.63 10.42 -17.49
C ALA A 374 -10.70 11.50 -17.40
N LYS A 375 -11.55 11.62 -18.42
CA LYS A 375 -12.61 12.62 -18.39
C LYS A 375 -13.73 12.25 -17.43
N GLU A 376 -13.81 10.99 -17.02
CA GLU A 376 -14.94 10.49 -16.24
C GLU A 376 -14.70 10.51 -14.74
N MET A 377 -13.53 10.95 -14.28
CA MET A 377 -13.22 10.97 -12.85
C MET A 377 -12.70 12.33 -12.45
N SER A 378 -13.18 12.82 -11.30
CA SER A 378 -12.70 14.10 -10.75
C SER A 378 -11.34 13.95 -10.09
N GLY A 379 -11.07 12.82 -9.47
CA GLY A 379 -9.81 12.60 -8.78
C GLY A 379 -9.48 11.12 -8.72
N PHE A 380 -8.26 10.83 -8.26
CA PHE A 380 -7.80 9.46 -8.10
C PHE A 380 -6.77 9.43 -6.98
N VAL A 381 -7.07 8.73 -5.88
CA VAL A 381 -6.16 8.61 -4.75
C VAL A 381 -6.00 7.14 -4.38
N THR A 382 -4.79 6.77 -3.96
CA THR A 382 -4.50 5.41 -3.52
C THR A 382 -4.43 5.33 -2.00
N ASN A 383 -5.10 4.31 -1.44
CA ASN A 383 -4.97 3.96 -0.02
C ASN A 383 -3.77 3.03 0.13
N PRO A 384 -2.72 3.45 0.83
CA PRO A 384 -1.48 2.64 0.84
C PRO A 384 -1.37 1.74 2.06
N MET A 385 -0.22 1.09 2.23
CA MET A 385 0.03 0.27 3.42
C MET A 385 0.50 1.12 4.58
N GLU A 386 0.54 0.52 5.77
CA GLU A 386 1.05 1.21 6.94
C GLU A 386 2.57 1.32 6.93
N HIS A 387 3.25 0.57 6.07
CA HIS A 387 4.68 0.79 5.81
C HIS A 387 4.81 1.85 4.72
N ALA A 388 5.20 3.07 5.12
CA ALA A 388 5.10 4.22 4.23
C ALA A 388 6.09 4.14 3.08
N GLU A 389 7.36 3.84 3.38
CA GLU A 389 8.36 3.84 2.31
C GLU A 389 8.09 2.73 1.29
N SER A 390 7.58 1.58 1.76
CA SER A 390 7.27 0.49 0.83
C SER A 390 6.14 0.85 -0.12
N SER A 391 5.25 1.76 0.29
CA SER A 391 4.13 2.17 -0.54
C SER A 391 4.54 3.08 -1.68
N LYS A 392 5.78 3.57 -1.67
CA LYS A 392 6.25 4.49 -2.70
C LYS A 392 6.26 3.86 -4.08
N ILE A 393 6.52 2.55 -4.16
CA ILE A 393 6.51 1.85 -5.44
C ILE A 393 5.17 2.06 -6.14
N ALA A 394 4.07 1.73 -5.46
CA ALA A 394 2.75 1.89 -6.06
C ALA A 394 2.35 3.36 -6.16
N ILE A 395 2.74 4.18 -5.18
CA ILE A 395 2.37 5.60 -5.21
C ILE A 395 3.01 6.30 -6.40
N TYR A 396 4.27 5.98 -6.70
CA TYR A 396 4.93 6.52 -7.88
C TYR A 396 4.17 6.15 -9.15
N SER A 397 3.66 4.91 -9.21
CA SER A 397 2.94 4.45 -10.39
C SER A 397 1.60 5.14 -10.55
N VAL A 398 0.89 5.38 -9.45
CA VAL A 398 -0.38 6.09 -9.51
C VAL A 398 -0.16 7.52 -10.02
N ALA A 399 0.92 8.16 -9.55
CA ALA A 399 1.28 9.48 -10.05
C ALA A 399 1.43 9.48 -11.56
N SER A 400 2.17 8.50 -12.10
CA SER A 400 2.33 8.39 -13.55
C SER A 400 0.99 8.14 -14.23
N TYR A 401 0.26 7.12 -13.76
CA TYR A 401 -1.04 6.80 -14.35
C TYR A 401 -1.96 8.02 -14.40
N ALA A 402 -2.11 8.72 -13.26
CA ALA A 402 -3.15 9.74 -13.17
C ALA A 402 -2.83 10.98 -13.97
N TRP A 403 -1.54 11.29 -14.15
CA TRP A 403 -1.16 12.49 -14.89
C TRP A 403 -1.31 12.28 -16.40
N ASN A 404 -0.84 11.16 -16.91
CA ASN A 404 -0.89 10.85 -18.34
C ASN A 404 -1.29 9.39 -18.53
N PRO A 405 -2.58 9.09 -18.36
CA PRO A 405 -3.03 7.69 -18.50
C PRO A 405 -2.88 7.12 -19.90
N ALA A 406 -3.06 7.94 -20.94
CA ALA A 406 -2.97 7.43 -22.31
C ALA A 406 -1.61 6.81 -22.61
N LYS A 407 -0.56 7.22 -21.90
CA LYS A 407 0.79 6.70 -22.11
C LYS A 407 1.30 5.91 -20.90
N TYR A 408 0.39 5.34 -20.10
CA TYR A 408 0.80 4.65 -18.88
C TYR A 408 1.32 3.24 -19.18
N ASP A 409 2.60 3.00 -18.89
CA ASP A 409 3.23 1.70 -19.10
C ASP A 409 3.49 1.08 -17.72
N THR A 410 2.67 0.10 -17.37
CA THR A 410 2.71 -0.60 -16.09
C THR A 410 4.12 -1.04 -15.69
N TRP A 411 4.73 -1.97 -16.46
CA TRP A 411 5.98 -2.58 -16.01
C TRP A 411 7.14 -1.59 -16.01
N GLN A 412 7.20 -0.69 -16.99
CA GLN A 412 8.29 0.27 -17.06
C GLN A 412 8.25 1.29 -15.91
N THR A 413 7.06 1.56 -15.36
CA THR A 413 6.98 2.47 -14.23
C THR A 413 7.33 1.76 -12.92
N TRP A 414 6.94 0.50 -12.79
CA TRP A 414 7.36 -0.31 -11.66
C TRP A 414 8.87 -0.31 -11.50
N LYS A 415 9.59 -0.50 -12.60
CA LYS A 415 11.05 -0.49 -12.56
C LYS A 415 11.58 0.91 -12.28
N ASP A 416 11.02 1.93 -12.95
CA ASP A 416 11.47 3.31 -12.73
C ASP A 416 11.26 3.73 -11.28
N ALA A 417 10.13 3.33 -10.69
CA ALA A 417 9.91 3.58 -9.26
C ALA A 417 11.01 2.96 -8.41
N ILE A 418 11.34 1.68 -8.66
CA ILE A 418 12.29 0.99 -7.81
C ILE A 418 13.67 1.63 -7.93
N ARG A 419 14.06 2.06 -9.13
CA ARG A 419 15.37 2.68 -9.33
C ARG A 419 15.45 4.07 -8.72
N THR A 420 14.30 4.69 -8.44
CA THR A 420 14.27 6.00 -7.80
C THR A 420 14.28 5.87 -6.28
N ILE A 421 13.54 4.90 -5.76
CA ILE A 421 13.47 4.68 -4.32
C ILE A 421 14.80 4.19 -3.76
N LEU A 422 15.56 3.42 -4.53
CA LEU A 422 16.80 2.80 -4.02
C LEU A 422 17.80 2.60 -5.15
N PRO A 423 18.36 3.69 -5.69
CA PRO A 423 19.34 3.56 -6.78
C PRO A 423 20.53 2.67 -6.46
N SER A 424 20.92 2.57 -5.19
CA SER A 424 22.14 1.84 -4.83
C SER A 424 21.98 0.33 -4.87
N ALA A 425 20.75 -0.18 -4.88
CA ALA A 425 20.52 -1.62 -4.88
C ALA A 425 19.18 -1.94 -5.56
N ALA A 426 18.98 -1.39 -6.76
CA ALA A 426 17.67 -1.47 -7.40
C ALA A 426 17.37 -2.88 -7.86
N GLU A 427 18.35 -3.56 -8.45
CA GLU A 427 18.14 -4.94 -8.87
C GLU A 427 17.82 -5.83 -7.66
N GLU A 428 18.53 -5.64 -6.56
CA GLU A 428 18.25 -6.41 -5.36
C GLU A 428 16.84 -6.17 -4.85
N LEU A 429 16.32 -4.94 -4.99
CA LEU A 429 14.96 -4.67 -4.50
C LEU A 429 13.91 -5.19 -5.48
N GLU A 430 14.15 -5.04 -6.78
CA GLU A 430 13.28 -5.66 -7.78
C GLU A 430 13.22 -7.18 -7.59
N SER A 431 14.37 -7.80 -7.32
CA SER A 431 14.36 -9.24 -7.03
C SER A 431 13.50 -9.55 -5.82
N PHE A 432 13.55 -8.71 -4.79
CA PHE A 432 12.71 -8.94 -3.62
C PHE A 432 11.24 -8.70 -3.93
N ALA A 433 10.92 -7.61 -4.63
CA ALA A 433 9.52 -7.27 -4.87
C ALA A 433 8.86 -8.25 -5.83
N MET A 434 9.62 -8.79 -6.78
CA MET A 434 9.05 -9.73 -7.75
CA MET A 434 9.11 -9.77 -7.75
C MET A 434 8.36 -10.90 -7.06
N HIS A 435 8.83 -11.30 -5.88
CA HIS A 435 8.26 -12.44 -5.16
C HIS A 435 7.48 -12.04 -3.92
N ASN A 436 7.15 -10.75 -3.77
CA ASN A 436 6.34 -10.26 -2.65
C ASN A 436 5.28 -9.31 -3.19
N SER A 437 4.28 -9.88 -3.88
CA SER A 437 3.22 -9.07 -4.46
C SER A 437 1.83 -9.68 -4.37
N ASP A 438 1.69 -10.98 -4.17
CA ASP A 438 0.37 -11.56 -4.00
C ASP A 438 -0.14 -11.36 -2.58
N LEU A 439 -1.45 -11.53 -2.41
CA LEU A 439 -2.10 -11.29 -1.13
C LEU A 439 -2.37 -12.56 -0.34
N GLY A 440 -2.36 -13.73 -0.99
CA GLY A 440 -2.84 -14.93 -0.37
C GLY A 440 -4.36 -14.91 -0.30
N PRO A 441 -4.96 -16.01 0.16
CA PRO A 441 -6.43 -16.06 0.25
C PRO A 441 -6.94 -15.02 1.24
N ASN A 442 -8.02 -14.33 0.84
CA ASN A 442 -8.59 -13.27 1.64
C ASN A 442 -10.09 -13.19 1.38
N GLY A 443 -10.80 -12.60 2.34
CA GLY A 443 -12.25 -12.48 2.23
C GLY A 443 -12.73 -11.72 1.02
N HIS A 444 -11.89 -10.84 0.46
CA HIS A 444 -12.27 -10.09 -0.73
C HIS A 444 -12.03 -10.86 -2.02
N GLY A 445 -11.27 -11.95 -1.98
CA GLY A 445 -10.93 -12.66 -3.19
C GLY A 445 -10.11 -11.85 -4.17
N TYR A 446 -9.30 -10.92 -3.67
CA TYR A 446 -8.49 -10.05 -4.51
C TYR A 446 -7.05 -10.55 -4.54
N ARG A 447 -6.52 -10.78 -5.75
CA ARG A 447 -5.21 -11.39 -5.92
C ARG A 447 -4.38 -10.57 -6.91
N ARG A 448 -3.07 -10.84 -6.90
CA ARG A 448 -2.13 -10.20 -7.81
C ARG A 448 -1.14 -11.25 -8.30
N GLU A 449 -0.52 -10.96 -9.45
CA GLU A 449 0.48 -11.85 -10.01
C GLU A 449 1.75 -11.87 -9.16
N GLU A 450 2.46 -13.00 -9.19
CA GLU A 450 3.67 -13.16 -8.42
C GLU A 450 4.52 -14.27 -9.05
N SER A 451 5.83 -14.04 -9.11
CA SER A 451 6.81 -15.05 -9.53
C SER A 451 6.55 -15.58 -10.94
N MET A 452 6.08 -14.71 -11.86
CA MET A 452 5.61 -15.17 -13.15
C MET A 452 6.75 -15.67 -14.05
N ASP A 453 7.96 -15.15 -13.84
CA ASP A 453 9.08 -15.51 -14.69
C ASP A 453 9.55 -16.95 -14.45
N ILE A 454 9.50 -17.42 -13.21
CA ILE A 454 9.98 -18.76 -12.90
C ILE A 454 8.85 -19.78 -12.83
N GLN A 455 7.59 -19.34 -12.85
CA GLN A 455 6.49 -20.30 -12.74
C GLN A 455 6.49 -21.39 -13.80
N PRO A 456 6.73 -21.11 -15.10
CA PRO A 456 6.73 -22.22 -16.07
C PRO A 456 7.70 -23.34 -15.75
N ALA A 457 8.96 -23.01 -15.45
CA ALA A 457 9.95 -24.04 -15.14
C ALA A 457 9.63 -24.73 -13.83
N ALA A 458 9.09 -24.00 -12.85
CA ALA A 458 8.67 -24.61 -11.60
C ALA A 458 7.62 -25.68 -11.83
N GLU A 459 6.62 -25.37 -12.65
CA GLU A 459 5.53 -26.33 -12.85
C GLU A 459 6.00 -27.55 -13.65
N ARG A 460 6.82 -27.35 -14.68
CA ARG A 460 7.30 -28.48 -15.45
C ARG A 460 8.16 -29.41 -14.61
N PHE A 461 8.97 -28.84 -13.70
CA PHE A 461 9.84 -29.67 -12.87
C PHE A 461 9.03 -30.57 -11.94
N LEU A 462 7.92 -30.06 -11.41
CA LEU A 462 7.17 -30.81 -10.41
C LEU A 462 6.23 -31.84 -11.02
N LYS A 463 5.70 -31.55 -12.22
CA LYS A 463 4.94 -32.55 -12.96
C LYS A 463 5.77 -33.80 -13.20
N ALA A 464 6.93 -33.64 -13.87
CA ALA A 464 7.78 -34.77 -14.19
C ALA A 464 8.27 -35.47 -12.93
N PHE A 465 8.53 -34.70 -11.86
CA PHE A 465 9.10 -35.29 -10.65
C PHE A 465 8.10 -36.21 -9.95
N LYS A 466 6.83 -35.82 -9.92
CA LYS A 466 5.83 -36.59 -9.19
C LYS A 466 5.50 -37.92 -9.86
N GLU A 467 5.86 -38.11 -11.12
CA GLU A 467 5.42 -39.28 -11.88
C GLU A 467 6.58 -39.97 -12.58
N GLY A 468 7.76 -39.99 -11.95
CA GLY A 468 8.86 -40.84 -12.37
C GLY A 468 9.60 -40.39 -13.62
N LYS A 469 9.10 -39.42 -14.37
CA LYS A 469 9.81 -38.96 -15.55
C LYS A 469 10.97 -38.06 -15.16
N ASN A 470 11.94 -37.96 -16.06
CA ASN A 470 13.11 -37.12 -15.83
C ASN A 470 12.77 -35.66 -16.10
N TYR A 471 13.18 -34.78 -15.21
CA TYR A 471 12.96 -33.36 -15.39
C TYR A 471 14.05 -32.76 -16.28
N ASP A 472 13.71 -31.66 -16.93
CA ASP A 472 14.69 -30.93 -17.72
C ASP A 472 15.74 -30.31 -16.81
N LYS A 473 17.01 -30.63 -17.08
CA LYS A 473 18.11 -30.10 -16.27
C LYS A 473 18.12 -28.57 -16.29
N ALA A 474 17.61 -27.95 -17.36
CA ALA A 474 17.57 -26.50 -17.43
C ALA A 474 16.61 -25.92 -16.39
N ASP A 475 15.46 -26.57 -16.18
CA ASP A 475 14.52 -26.10 -15.16
C ASP A 475 15.12 -26.23 -13.76
N PHE A 476 15.77 -27.35 -13.48
CA PHE A 476 16.45 -27.55 -12.21
C PHE A 476 17.48 -26.47 -11.95
N GLU A 477 18.26 -26.10 -12.98
CA GLU A 477 19.24 -25.03 -12.82
C GLU A 477 18.57 -23.67 -12.67
N THR A 478 17.40 -23.48 -13.29
CA THR A 478 16.68 -22.22 -13.13
C THR A 478 16.21 -22.03 -11.69
N LEU A 479 15.83 -23.12 -11.01
CA LEU A 479 15.44 -23.01 -9.61
C LEU A 479 16.65 -22.79 -8.71
N GLN A 480 17.80 -23.40 -9.05
CA GLN A 480 19.03 -23.11 -8.31
C GLN A 480 19.47 -21.67 -8.51
N TYR A 481 19.34 -21.15 -9.74
CA TYR A 481 19.69 -19.76 -10.00
C TYR A 481 18.81 -18.82 -9.18
N THR A 482 17.51 -19.15 -9.06
CA THR A 482 16.59 -18.31 -8.32
C THR A 482 16.97 -18.23 -6.84
N PHE A 483 17.10 -19.39 -6.18
CA PHE A 483 17.40 -19.41 -4.75
C PHE A 483 18.72 -18.69 -4.46
N GLU A 484 19.72 -18.88 -5.32
CA GLU A 484 21.01 -18.21 -5.13
C GLU A 484 20.86 -16.69 -5.19
N ARG A 485 20.15 -16.19 -6.20
CA ARG A 485 19.97 -14.74 -6.32
C ARG A 485 19.12 -14.20 -5.17
N MET A 486 18.13 -14.98 -4.71
CA MET A 486 17.35 -14.57 -3.55
C MET A 486 18.23 -14.28 -2.34
N LYS A 487 19.23 -15.12 -2.07
CA LYS A 487 20.08 -14.90 -0.91
C LYS A 487 20.98 -13.69 -1.09
N GLU A 488 21.43 -13.43 -2.31
CA GLU A 488 22.20 -12.23 -2.61
C GLU A 488 21.42 -10.97 -2.24
N SER A 489 20.16 -10.91 -2.68
CA SER A 489 19.37 -9.70 -2.47
C SER A 489 19.04 -9.51 -1.00
N ALA A 490 18.65 -10.58 -0.32
CA ALA A 490 18.34 -10.49 1.11
C ALA A 490 19.51 -9.90 1.89
N ASP A 491 20.71 -10.45 1.69
CA ASP A 491 21.87 -9.97 2.44
C ASP A 491 22.24 -8.54 2.06
N ILE A 492 22.18 -8.20 0.77
CA ILE A 492 22.54 -6.83 0.35
C ILE A 492 21.51 -5.83 0.86
N LEU A 493 20.23 -6.21 0.87
CA LEU A 493 19.19 -5.30 1.32
C LEU A 493 19.31 -5.03 2.82
N LEU A 494 19.67 -6.04 3.59
CA LEU A 494 19.71 -5.86 5.04
C LEU A 494 20.81 -4.91 5.48
N MET A 495 21.86 -4.79 4.68
CA MET A 495 22.99 -3.92 5.00
C MET A 495 22.91 -2.57 4.28
N ASN A 496 21.80 -2.29 3.60
CA ASN A 496 21.71 -1.07 2.80
C ASN A 496 21.33 0.13 3.67
N THR A 497 22.16 1.16 3.65
CA THR A 497 21.95 2.36 4.45
C THR A 497 21.50 3.57 3.63
N GLU A 498 21.18 3.38 2.34
CA GLU A 498 20.74 4.52 1.54
C GLU A 498 19.35 4.99 1.96
N ASN A 499 18.45 4.06 2.30
CA ASN A 499 17.11 4.39 2.78
C ASN A 499 16.82 3.55 4.03
N LYS A 500 17.48 3.92 5.12
CA LYS A 500 17.28 3.21 6.39
C LYS A 500 15.82 3.01 6.78
N PRO A 501 14.93 4.00 6.67
CA PRO A 501 13.51 3.71 6.98
C PRO A 501 12.94 2.56 6.16
N LEU A 502 13.24 2.47 4.86
CA LEU A 502 12.72 1.39 4.03
C LEU A 502 13.18 0.03 4.55
N ILE A 503 14.47 -0.09 4.87
CA ILE A 503 15.01 -1.38 5.31
C ILE A 503 14.37 -1.81 6.62
N VAL A 504 14.15 -0.87 7.54
CA VAL A 504 13.55 -1.21 8.83
C VAL A 504 12.16 -1.80 8.63
N GLU A 505 11.41 -1.28 7.65
CA GLU A 505 10.06 -1.78 7.41
C GLU A 505 10.06 -3.22 6.92
N ILE A 506 11.04 -3.59 6.10
CA ILE A 506 10.98 -4.86 5.36
C ILE A 506 11.83 -5.94 5.99
N THR A 507 12.62 -5.62 7.03
CA THR A 507 13.57 -6.57 7.61
C THR A 507 12.95 -7.90 8.02
N PRO A 508 11.80 -7.97 8.71
CA PRO A 508 11.24 -9.29 9.03
C PRO A 508 10.93 -10.13 7.80
N TRP A 509 10.46 -9.52 6.72
CA TRP A 509 10.23 -10.26 5.48
C TRP A 509 11.54 -10.62 4.79
N VAL A 510 12.57 -9.78 4.94
CA VAL A 510 13.87 -10.06 4.32
C VAL A 510 14.51 -11.30 4.96
N HIS A 511 14.43 -11.45 6.29
CA HIS A 511 14.92 -12.66 6.93
C HIS A 511 14.17 -13.89 6.45
N GLN A 512 12.83 -13.82 6.41
CA GLN A 512 12.03 -14.96 5.96
C GLN A 512 12.30 -15.28 4.49
N PHE A 513 12.46 -14.24 3.67
CA PHE A 513 12.91 -14.40 2.29
C PHE A 513 14.16 -15.26 2.22
N LYS A 514 15.16 -14.97 3.06
CA LYS A 514 16.42 -15.69 2.98
C LYS A 514 16.25 -17.15 3.42
N LEU A 515 15.43 -17.39 4.45
CA LEU A 515 15.24 -18.77 4.90
C LEU A 515 14.51 -19.61 3.87
N THR A 516 13.50 -19.03 3.22
CA THR A 516 12.86 -19.67 2.08
C THR A 516 13.88 -20.13 1.06
N ALA A 517 14.86 -19.28 0.76
CA ALA A 517 15.86 -19.60 -0.27
C ALA A 517 16.81 -20.70 0.20
N GLU A 518 17.20 -20.67 1.48
CA GLU A 518 18.06 -21.73 2.01
C GLU A 518 17.34 -23.07 2.03
N MET A 519 16.08 -23.08 2.48
CA MET A 519 15.29 -24.31 2.42
C MET A 519 15.19 -24.83 1.00
N GLY A 520 15.03 -23.93 0.03
CA GLY A 520 14.92 -24.35 -1.36
C GLY A 520 16.15 -25.07 -1.86
N GLU A 521 17.34 -24.53 -1.56
CA GLU A 521 18.57 -25.18 -1.99
C GLU A 521 18.75 -26.55 -1.36
N GLU A 522 18.43 -26.67 -0.06
CA GLU A 522 18.58 -27.95 0.62
C GLU A 522 17.62 -29.00 0.07
N VAL A 523 16.41 -28.58 -0.32
CA VAL A 523 15.46 -29.54 -0.86
C VAL A 523 15.92 -30.02 -2.24
N LEU A 524 16.49 -29.13 -3.04
CA LEU A 524 17.01 -29.53 -4.34
C LEU A 524 18.19 -30.49 -4.21
N LYS A 525 18.94 -30.40 -3.11
CA LYS A 525 20.02 -31.36 -2.88
C LYS A 525 19.46 -32.71 -2.46
N MET A 526 18.33 -32.72 -1.76
CA MET A 526 17.63 -33.97 -1.49
C MET A 526 17.17 -34.63 -2.77
N VAL A 527 16.85 -33.84 -3.79
CA VAL A 527 16.46 -34.41 -5.09
C VAL A 527 17.65 -35.08 -5.75
N GLU A 528 18.80 -34.39 -5.76
CA GLU A 528 20.02 -34.98 -6.33
C GLU A 528 20.39 -36.27 -5.58
N GLY A 529 20.19 -36.28 -4.26
CA GLY A 529 20.30 -37.46 -3.41
C GLY A 529 21.26 -38.54 -3.85
N ARG A 530 22.52 -38.42 -3.48
CA ARG A 530 23.50 -39.43 -3.84
C ARG A 530 23.36 -40.67 -2.98
N ASN A 531 23.81 -40.60 -1.73
CA ASN A 531 23.76 -41.73 -0.81
C ASN A 531 22.75 -41.47 0.30
N GLU A 532 22.58 -42.48 1.15
CA GLU A 532 21.61 -42.40 2.24
C GLU A 532 22.06 -41.41 3.31
N SER A 533 23.37 -41.37 3.59
CA SER A 533 23.87 -40.53 4.66
C SER A 533 23.75 -39.05 4.32
N TYR A 534 24.01 -38.69 3.06
CA TYR A 534 23.85 -37.29 2.65
C TYR A 534 22.38 -36.87 2.71
N PHE A 535 21.48 -37.76 2.30
CA PHE A 535 20.05 -37.44 2.31
C PHE A 535 19.58 -37.08 3.71
N LEU A 536 19.95 -37.89 4.71
CA LEU A 536 19.51 -37.63 6.08
C LEU A 536 20.12 -36.34 6.62
N ARG A 537 21.35 -36.03 6.21
CA ARG A 537 21.96 -34.77 6.63
C ARG A 537 21.15 -33.58 6.14
N LYS A 538 20.83 -33.57 4.83
CA LYS A 538 20.02 -32.48 4.27
C LYS A 538 18.61 -32.47 4.84
N TYR A 539 18.06 -33.66 5.14
CA TYR A 539 16.72 -33.72 5.73
C TYR A 539 16.70 -33.04 7.09
N ASN A 540 17.68 -33.31 7.93
CA ASN A 540 17.74 -32.69 9.25
C ASN A 540 17.93 -31.18 9.15
N HIS A 541 18.65 -30.72 8.13
CA HIS A 541 18.86 -29.28 7.98
C HIS A 541 17.58 -28.58 7.55
N VAL A 542 16.78 -29.23 6.70
CA VAL A 542 15.49 -28.67 6.33
C VAL A 542 14.58 -28.57 7.55
N LYS A 543 14.56 -29.61 8.38
CA LYS A 543 13.77 -29.58 9.61
C LYS A 543 14.18 -28.43 10.52
N ALA A 544 15.47 -28.08 10.53
CA ALA A 544 15.92 -26.95 11.34
C ALA A 544 15.48 -25.62 10.73
N LEU A 545 15.53 -25.51 9.40
CA LEU A 545 15.10 -24.28 8.75
C LEU A 545 13.61 -24.05 8.95
N GLN A 546 12.81 -25.12 8.92
CA GLN A 546 11.38 -24.99 9.21
C GLN A 546 11.16 -24.39 10.59
N GLN A 547 11.84 -24.94 11.61
CA GLN A 547 11.71 -24.40 12.97
C GLN A 547 12.13 -22.95 13.02
N GLN A 548 13.13 -22.55 12.22
CA GLN A 548 13.55 -21.16 12.22
C GLN A 548 12.51 -20.26 11.59
N MET A 549 11.85 -20.72 10.52
CA MET A 549 10.77 -19.94 9.92
C MET A 549 9.58 -19.79 10.88
N PHE A 550 9.32 -20.81 11.69
CA PHE A 550 8.27 -20.70 12.70
C PHE A 550 8.61 -19.63 13.73
N TYR A 551 9.87 -19.58 14.15
CA TYR A 551 10.27 -18.62 15.19
C TYR A 551 10.10 -17.18 14.73
N ILE A 552 10.51 -16.88 13.49
CA ILE A 552 10.29 -15.53 12.96
C ILE A 552 8.79 -15.24 12.87
N ASP A 553 8.01 -16.23 12.43
CA ASP A 553 6.56 -16.06 12.29
C ASP A 553 5.89 -15.74 13.62
N GLN A 554 6.48 -16.16 14.74
CA GLN A 554 5.86 -15.96 16.05
C GLN A 554 6.42 -14.78 16.83
N THR A 555 7.55 -14.21 16.42
CA THR A 555 8.14 -13.08 17.11
C THR A 555 8.05 -11.76 16.35
N SER A 556 7.99 -11.78 15.02
CA SER A 556 8.04 -10.59 14.20
C SER A 556 6.65 -10.17 13.76
N ASN A 557 6.41 -8.86 13.78
CA ASN A 557 5.14 -8.27 13.34
C ASN A 557 3.96 -8.97 14.00
N GLN A 558 3.97 -8.96 15.34
CA GLN A 558 2.87 -9.56 16.09
C GLN A 558 1.74 -8.55 16.26
N ASN A 559 1.10 -8.23 15.12
CA ASN A 559 -0.07 -7.37 15.09
C ASN A 559 -1.30 -8.14 15.56
N PRO A 560 -2.32 -7.43 16.03
CA PRO A 560 -3.51 -8.10 16.58
C PRO A 560 -4.48 -8.64 15.53
N CYS A 561 -4.11 -8.64 14.24
CA CYS A 561 -5.05 -8.97 13.18
C CYS A 561 -4.60 -10.19 12.39
N GLN A 562 -3.53 -10.09 11.60
CA GLN A 562 -2.88 -11.24 10.98
C GLN A 562 -1.41 -11.15 11.33
N PRO A 563 -1.02 -11.66 12.50
CA PRO A 563 0.38 -11.59 12.91
C PRO A 563 1.25 -12.54 12.10
N GLY A 564 2.55 -12.26 12.10
CA GLY A 564 3.51 -13.12 11.46
C GLY A 564 4.06 -12.53 10.17
N VAL A 565 4.83 -13.35 9.47
CA VAL A 565 5.55 -12.93 8.27
C VAL A 565 5.41 -14.01 7.22
N LYS A 566 4.83 -13.66 6.07
CA LYS A 566 4.70 -14.56 4.94
C LYS A 566 5.32 -13.93 3.71
N THR A 567 5.95 -14.76 2.86
CA THR A 567 6.66 -14.27 1.69
C THR A 567 6.76 -15.38 0.65
N ALA A 568 6.82 -14.96 -0.63
CA ALA A 568 6.97 -15.88 -1.76
C ALA A 568 5.92 -16.98 -1.74
N THR A 569 4.68 -16.60 -1.42
CA THR A 569 3.64 -17.57 -1.10
C THR A 569 2.93 -18.14 -2.32
N ARG A 570 2.94 -17.42 -3.45
CA ARG A 570 2.13 -17.86 -4.59
C ARG A 570 2.75 -19.06 -5.31
N VAL A 571 4.07 -19.06 -5.51
CA VAL A 571 4.69 -20.06 -6.37
C VAL A 571 5.83 -20.77 -5.65
N ILE A 572 6.72 -19.98 -5.02
CA ILE A 572 7.98 -20.53 -4.53
C ILE A 572 7.75 -21.44 -3.31
N LYS A 573 7.01 -20.95 -2.32
CA LYS A 573 6.74 -21.79 -1.15
C LYS A 573 5.97 -23.06 -1.49
N PRO A 574 4.93 -23.05 -2.33
CA PRO A 574 4.29 -24.33 -2.69
C PRO A 574 5.23 -25.29 -3.42
N LEU A 575 6.17 -24.79 -4.21
CA LEU A 575 7.09 -25.69 -4.91
C LEU A 575 8.01 -26.40 -3.92
N ILE A 576 8.56 -25.66 -2.95
CA ILE A 576 9.47 -26.26 -2.00
C ILE A 576 8.75 -27.28 -1.12
N ASP A 577 7.56 -26.94 -0.64
CA ASP A 577 6.81 -27.86 0.21
C ASP A 577 6.37 -29.10 -0.54
N ARG A 578 5.90 -28.93 -1.79
CA ARG A 578 5.44 -30.07 -2.56
C ARG A 578 6.60 -30.99 -2.94
N THR A 579 7.77 -30.42 -3.22
CA THR A 579 8.92 -31.24 -3.58
C THR A 579 9.49 -31.97 -2.37
N PHE A 580 9.49 -31.30 -1.20
CA PHE A 580 9.93 -31.94 0.03
C PHE A 580 9.04 -33.12 0.37
N ALA A 581 7.72 -32.92 0.32
CA ALA A 581 6.80 -34.02 0.63
C ALA A 581 6.96 -35.19 -0.33
N THR A 582 7.29 -34.90 -1.59
CA THR A 582 7.37 -35.96 -2.60
C THR A 582 8.63 -36.79 -2.41
N VAL A 583 9.78 -36.14 -2.25
CA VAL A 583 11.04 -36.88 -2.17
C VAL A 583 11.14 -37.63 -0.84
N VAL A 584 10.50 -37.12 0.21
CA VAL A 584 10.47 -37.85 1.49
C VAL A 584 9.66 -39.12 1.34
N LYS A 585 8.56 -39.08 0.59
CA LYS A 585 7.75 -40.28 0.42
C LYS A 585 8.46 -41.31 -0.44
N PHE A 586 9.20 -40.86 -1.46
CA PHE A 586 10.02 -41.77 -2.24
C PHE A 586 11.08 -42.45 -1.38
N PHE A 587 11.66 -41.71 -0.43
CA PHE A 587 12.67 -42.27 0.46
C PHE A 587 12.07 -43.34 1.36
N ASN A 588 10.89 -43.08 1.92
CA ASN A 588 10.24 -44.07 2.78
C ASN A 588 9.84 -45.32 2.00
N GLN A 589 9.53 -45.17 0.72
CA GLN A 589 9.19 -46.34 -0.09
C GLN A 589 10.41 -47.17 -0.43
N LYS A 590 11.57 -46.52 -0.60
CA LYS A 590 12.76 -47.20 -1.09
C LYS A 590 13.52 -47.90 0.02
N PHE A 591 13.72 -47.21 1.15
CA PHE A 591 14.49 -47.73 2.26
C PHE A 591 13.61 -48.20 3.41
N ASN A 592 12.30 -48.27 3.20
CA ASN A 592 11.32 -48.68 4.22
C ASN A 592 11.56 -47.93 5.54
N ALA A 593 11.39 -46.62 5.47
CA ALA A 593 11.58 -45.74 6.61
C ALA A 593 10.28 -45.04 6.94
N HIS A 594 10.32 -44.18 7.97
CA HIS A 594 9.13 -43.50 8.47
C HIS A 594 9.48 -42.05 8.80
N LEU A 595 10.06 -41.33 7.85
CA LEU A 595 10.38 -39.93 8.05
C LEU A 595 9.12 -39.07 7.98
N ASP A 596 9.14 -37.95 8.71
CA ASP A 596 8.01 -37.03 8.73
C ASP A 596 8.05 -36.14 7.50
N ALA A 597 6.93 -36.09 6.78
CA ALA A 597 6.84 -35.32 5.54
C ALA A 597 6.07 -34.02 5.69
N THR A 598 5.70 -33.63 6.91
CA THR A 598 4.99 -32.38 7.11
C THR A 598 5.93 -31.20 6.87
N THR A 599 5.36 -30.11 6.34
CA THR A 599 6.16 -29.02 5.81
C THR A 599 6.29 -27.82 6.74
N ASP A 600 5.34 -27.62 7.65
CA ASP A 600 5.38 -26.49 8.57
C ASP A 600 5.56 -27.01 10.00
N TYR A 601 6.59 -26.50 10.68
CA TYR A 601 6.85 -26.92 12.05
C TYR A 601 5.71 -26.52 12.96
N MET A 602 5.43 -27.37 13.95
CA MET A 602 4.35 -27.15 14.91
C MET A 602 4.69 -27.89 16.21
N PRO A 603 4.97 -27.18 17.30
CA PRO A 603 5.40 -27.87 18.52
C PRO A 603 4.31 -28.66 19.20
N HIS A 604 3.05 -28.24 19.10
CA HIS A 604 1.95 -28.99 19.66
C HIS A 604 1.57 -30.14 18.72
N LYS A 605 0.67 -31.01 19.18
CA LYS A 605 0.39 -32.25 18.45
C LYS A 605 -1.11 -32.55 18.46
N MET A 606 -1.56 -33.13 17.34
CA MET A 606 -2.95 -33.53 17.09
C MET A 606 -3.97 -32.49 17.55
N LYS A 614 -7.83 -36.52 12.31
CA LYS A 614 -8.04 -35.76 11.08
C LYS A 614 -6.77 -35.07 10.60
N ASN A 615 -6.78 -34.63 9.34
CA ASN A 615 -5.62 -34.02 8.71
C ASN A 615 -5.60 -32.49 8.84
N LEU A 616 -6.40 -31.91 9.73
CA LEU A 616 -6.36 -30.47 9.93
C LEU A 616 -5.19 -30.10 10.83
N PRO A 617 -4.27 -29.26 10.37
CA PRO A 617 -3.10 -28.90 11.19
C PRO A 617 -3.42 -27.80 12.18
N LEU A 618 -2.75 -27.85 13.32
CA LEU A 618 -2.88 -26.81 14.33
C LEU A 618 -2.17 -25.53 13.88
N GLN A 619 -2.65 -24.40 14.38
CA GLN A 619 -2.02 -23.12 14.13
C GLN A 619 -1.78 -22.40 15.46
N VAL A 620 -0.70 -21.63 15.51
CA VAL A 620 -0.35 -20.82 16.66
C VAL A 620 -0.42 -19.36 16.23
N LYS A 621 -1.35 -18.60 16.83
CA LYS A 621 -1.52 -17.18 16.55
C LYS A 621 -1.56 -16.46 17.89
N ALA A 622 -0.51 -15.69 18.20
CA ALA A 622 -0.37 -14.97 19.47
C ALA A 622 -0.41 -16.01 20.58
N ASN A 623 -1.26 -15.85 21.59
CA ASN A 623 -1.38 -16.84 22.67
C ASN A 623 -2.53 -17.81 22.43
N ARG A 624 -2.86 -18.08 21.17
CA ARG A 624 -3.95 -18.96 20.80
C ARG A 624 -3.39 -20.23 20.16
N VAL A 625 -4.12 -21.33 20.33
CA VAL A 625 -3.84 -22.59 19.66
C VAL A 625 -5.15 -23.09 19.05
N LEU A 626 -5.19 -23.18 17.72
CA LEU A 626 -6.44 -23.39 17.00
C LEU A 626 -6.30 -24.53 16.00
N ILE A 627 -7.42 -25.17 15.70
CA ILE A 627 -7.52 -26.09 14.57
C ILE A 627 -8.06 -25.31 13.37
N SER A 628 -7.52 -25.61 12.20
CA SER A 628 -7.95 -24.91 10.99
C SER A 628 -9.42 -25.21 10.73
N PRO A 629 -10.23 -24.19 10.40
CA PRO A 629 -11.65 -24.41 10.17
C PRO A 629 -11.90 -25.33 8.96
N ALA A 630 -13.10 -25.89 8.92
CA ALA A 630 -13.48 -26.80 7.84
C ALA A 630 -13.93 -26.03 6.60
N GLY A 639 -16.47 -42.71 21.77
CA GLY A 639 -15.06 -42.39 21.71
C GLY A 639 -14.68 -41.58 20.48
N ASN A 640 -14.10 -40.40 20.70
CA ASN A 640 -13.68 -39.53 19.61
C ASN A 640 -12.49 -38.70 20.09
N SER A 641 -11.98 -37.84 19.19
CA SER A 641 -10.80 -37.05 19.48
C SER A 641 -11.16 -35.62 19.90
N GLU A 643 -7.95 -34.96 20.22
CA GLU A 643 -7.18 -34.59 21.42
C GLU A 643 -5.97 -33.73 21.05
N ILE A 644 -5.74 -32.68 21.83
CA ILE A 644 -4.66 -31.73 21.60
C ILE A 644 -3.70 -31.81 22.79
N GLU A 645 -2.41 -31.93 22.50
CA GLU A 645 -1.37 -31.98 23.52
C GLU A 645 -0.37 -30.87 23.27
N LEU A 646 -0.24 -29.95 24.23
CA LEU A 646 0.71 -28.86 24.14
C LEU A 646 2.11 -29.35 24.49
N ASP A 647 3.10 -28.53 24.17
CA ASP A 647 4.49 -28.88 24.45
C ASP A 647 4.88 -28.70 25.91
N ALA A 648 3.97 -28.20 26.73
CA ALA A 648 4.23 -27.94 28.15
C ALA A 648 2.90 -27.62 28.83
N ILE A 649 2.96 -27.29 30.11
CA ILE A 649 1.80 -26.86 30.87
C ILE A 649 1.72 -25.33 30.83
N TYR A 650 0.53 -24.80 30.58
CA TYR A 650 0.30 -23.37 30.49
C TYR A 650 -0.96 -23.02 31.25
N PRO A 651 -1.03 -21.83 31.85
CA PRO A 651 -2.29 -21.38 32.43
C PRO A 651 -3.35 -21.17 31.36
N GLY A 652 -4.56 -21.62 31.64
CA GLY A 652 -5.64 -21.55 30.68
C GLY A 652 -6.51 -20.30 30.82
N GLU A 653 -6.97 -19.79 29.68
CA GLU A 653 -7.79 -18.59 29.65
C GLU A 653 -9.23 -18.92 29.26
N ASN A 654 -9.48 -19.35 28.03
CA ASN A 654 -10.83 -19.72 27.62
C ASN A 654 -10.75 -20.70 26.45
N ILE A 655 -11.93 -21.18 26.02
CA ILE A 655 -12.07 -22.06 24.87
C ILE A 655 -13.31 -21.60 24.10
N GLN A 656 -13.22 -21.62 22.76
CA GLN A 656 -14.33 -21.22 21.92
C GLN A 656 -14.51 -22.22 20.79
N ILE A 657 -15.74 -22.70 20.61
CA ILE A 657 -16.09 -23.66 19.58
C ILE A 657 -17.36 -23.17 18.87
N ASN A 658 -17.50 -23.54 17.60
CA ASN A 658 -18.65 -23.11 16.80
C ASN A 658 -19.09 -24.25 15.89
N PHE A 659 -20.36 -24.61 15.97
CA PHE A 659 -20.95 -25.58 15.05
C PHE A 659 -22.14 -24.99 14.31
N LEU A 670 -15.03 -32.46 26.08
CA LEU A 670 -15.63 -31.92 27.28
C LEU A 670 -14.62 -31.63 28.39
N GLU A 671 -13.40 -32.20 28.30
CA GLU A 671 -12.51 -32.20 29.45
C GLU A 671 -11.11 -31.69 29.09
N ILE A 672 -10.35 -31.38 30.15
CA ILE A 672 -8.96 -30.96 30.07
C ILE A 672 -8.14 -31.79 31.05
N SER A 673 -6.83 -31.76 30.87
CA SER A 673 -5.94 -32.55 31.72
C SER A 673 -4.54 -31.93 31.72
N THR A 674 -3.72 -32.37 32.68
CA THR A 674 -2.33 -31.97 32.78
C THR A 674 -1.34 -33.12 32.69
N ASP A 675 -1.81 -34.37 32.77
CA ASP A 675 -0.92 -35.51 32.63
C ASP A 675 -1.47 -36.58 31.68
N GLY A 676 -2.61 -36.36 31.06
CA GLY A 676 -3.18 -37.34 30.16
C GLY A 676 -4.32 -38.14 30.74
N LYS A 677 -4.13 -38.67 31.96
CA LYS A 677 -5.09 -39.62 32.52
C LYS A 677 -6.15 -38.97 33.41
N GLU A 678 -5.76 -38.04 34.29
CA GLU A 678 -6.72 -37.44 35.19
C GLU A 678 -7.33 -36.22 34.51
N TRP A 679 -8.58 -36.36 34.08
CA TRP A 679 -9.31 -35.32 33.37
C TRP A 679 -10.28 -34.62 34.32
N LYS A 680 -10.90 -33.56 33.80
CA LYS A 680 -11.95 -32.86 34.53
C LYS A 680 -12.80 -32.10 33.52
N THR A 681 -14.10 -32.07 33.78
CA THR A 681 -15.08 -31.52 32.86
C THR A 681 -15.37 -30.06 33.18
N VAL A 682 -15.53 -29.25 32.13
CA VAL A 682 -16.13 -27.93 32.23
C VAL A 682 -17.17 -27.80 31.13
N ASP A 683 -18.31 -27.21 31.47
CA ASP A 683 -19.43 -27.11 30.55
C ASP A 683 -19.39 -25.75 29.84
N LEU A 684 -20.07 -25.70 28.69
CA LEU A 684 -20.01 -24.55 27.80
C LEU A 684 -21.31 -23.76 27.89
N LYS A 685 -21.33 -22.63 27.18
CA LYS A 685 -22.47 -21.70 27.22
C LYS A 685 -22.74 -21.21 25.81
N GLN A 686 -23.94 -21.47 25.31
CA GLN A 686 -24.28 -21.27 23.90
C GLN A 686 -24.96 -19.93 23.67
N LYS A 687 -24.67 -19.33 22.51
CA LYS A 687 -25.44 -18.19 22.00
C LYS A 687 -25.16 -18.02 20.51
N SER A 689 -22.88 -23.09 17.33
CA SER A 689 -22.64 -21.68 17.03
C SER A 689 -22.33 -20.88 18.30
N ARG A 690 -21.03 -20.66 18.56
CA ARG A 690 -20.55 -19.90 19.72
C ARG A 690 -20.79 -20.67 21.02
N LEU A 691 -19.86 -21.57 21.34
CA LEU A 691 -19.76 -22.22 22.64
C LEU A 691 -18.53 -21.69 23.34
N SER A 692 -18.70 -21.19 24.56
CA SER A 692 -17.61 -20.56 25.30
C SER A 692 -17.53 -21.14 26.70
N ALA A 693 -16.35 -21.00 27.31
CA ALA A 693 -16.10 -21.46 28.67
C ALA A 693 -14.78 -20.92 29.18
N GLY A 694 -14.77 -20.34 30.38
CA GLY A 694 -13.55 -19.84 30.98
C GLY A 694 -12.84 -20.93 31.78
N LEU A 695 -11.51 -20.94 31.66
CA LEU A 695 -10.69 -21.90 32.39
C LEU A 695 -10.15 -21.34 33.70
N GLN A 696 -10.06 -20.02 33.82
CA GLN A 696 -9.68 -19.33 35.06
C GLN A 696 -8.33 -19.84 35.58
N LYS A 697 -7.33 -19.82 34.69
CA LYS A 697 -5.92 -20.04 35.01
C LYS A 697 -5.61 -21.48 35.43
N ALA A 698 -6.52 -22.42 35.17
CA ALA A 698 -6.25 -23.80 35.52
C ALA A 698 -5.11 -24.35 34.67
N PRO A 699 -4.17 -25.09 35.26
CA PRO A 699 -3.12 -25.72 34.46
C PRO A 699 -3.71 -26.67 33.43
N VAL A 700 -3.16 -26.64 32.22
CA VAL A 700 -3.71 -27.42 31.12
C VAL A 700 -2.58 -27.79 30.17
N LYS A 701 -2.58 -29.06 29.73
CA LYS A 701 -1.67 -29.52 28.69
C LYS A 701 -2.43 -30.35 27.65
N PHE A 702 -3.49 -31.04 28.08
CA PHE A 702 -4.29 -31.88 27.21
C PHE A 702 -5.71 -31.36 27.13
N VAL A 703 -6.27 -31.32 25.92
CA VAL A 703 -7.65 -30.89 25.71
C VAL A 703 -8.33 -31.89 24.79
N ARG A 704 -9.56 -32.26 25.12
CA ARG A 704 -10.26 -33.34 24.44
C ARG A 704 -11.72 -32.90 24.24
N PHE A 705 -12.33 -33.35 23.13
CA PHE A 705 -13.76 -33.19 22.91
C PHE A 705 -14.36 -34.54 22.54
N THR A 706 -15.23 -35.07 23.40
CA THR A 706 -15.94 -36.34 23.16
C THR A 706 -17.45 -36.21 23.33
N VAL A 708 -19.56 -38.95 23.98
CA VAL A 708 -20.07 -38.38 22.74
C VAL A 708 -21.28 -37.50 23.04
N SER A 709 -21.06 -36.19 22.94
CA SER A 709 -22.04 -35.20 23.38
C SER A 709 -22.92 -34.76 22.22
N ASP A 710 -23.59 -33.61 22.39
CA ASP A 710 -24.54 -33.06 21.42
C ASP A 710 -24.08 -33.16 19.97
N ARG A 718 -16.08 -24.23 11.22
CA ARG A 718 -16.11 -24.92 12.51
C ARG A 718 -14.88 -24.58 13.34
N GLN A 719 -14.90 -23.40 13.97
CA GLN A 719 -13.75 -22.94 14.74
C GLN A 719 -13.58 -23.77 16.01
N PHE A 720 -12.37 -23.69 16.58
CA PHE A 720 -11.97 -24.47 17.74
C PHE A 720 -10.68 -23.90 18.30
N VAL A 721 -10.78 -23.02 19.30
CA VAL A 721 -9.65 -22.19 19.72
C VAL A 721 -9.40 -22.39 21.21
N LEU A 722 -8.13 -22.55 21.57
CA LEU A 722 -7.67 -22.53 22.95
C LEU A 722 -6.80 -21.30 23.17
N THR A 723 -7.13 -20.50 24.18
CA THR A 723 -6.35 -19.33 24.54
C THR A 723 -5.66 -19.58 25.87
N ILE A 724 -4.35 -19.32 25.91
CA ILE A 724 -3.53 -19.55 27.09
C ILE A 724 -2.77 -18.27 27.42
N GLU A 725 -2.08 -18.28 28.56
CA GLU A 725 -1.41 -17.11 29.08
C GLU A 725 0.07 -17.11 28.71
N LYS A 726 0.51 -16.03 28.08
CA LYS A 726 1.93 -15.84 27.77
C LYS A 726 2.31 -14.36 27.91
CAH OAN B . -13.88 3.40 1.97
CAG OAN B . -12.95 2.37 2.56
OAN OAN B . -12.17 1.72 1.87
NAI OAN B . -13.06 2.18 3.94
CAB OAN B . -12.21 1.20 4.62
CAC OAN B . -10.71 1.58 4.51
OAJ OAN B . -10.45 2.31 5.66
CAD OAN B . -9.89 0.26 4.48
OAK OAN B . -8.56 0.67 4.50
CAE OAN B . -10.25 -0.33 3.09
CAF OAN B . -9.40 -1.60 2.84
OAM OAN B . -9.47 -2.39 3.98
OAL OAN B . -11.60 -0.72 3.08
CAA OAN B . -12.39 -0.20 4.07
NAY OAN B . -13.28 -0.94 4.67
OAQ OAN B . -13.84 -1.88 3.92
CAP OAN B . -14.26 -2.90 4.75
OAR OAN B . -13.61 -3.93 4.89
NAO OAN B . -15.46 -2.56 5.33
CAS OAN B . -15.91 -3.34 6.40
CAT OAN B . -16.26 -2.69 7.60
CAU OAN B . -16.70 -3.48 8.66
CAV OAN B . -16.82 -4.85 8.51
CAW OAN B . -16.48 -5.46 7.30
CAX OAN B . -16.03 -4.71 6.24
C4 7NQ C . -10.02 -3.79 11.51
C5 7NQ C . -8.89 -5.59 12.76
C6 7NQ C . -8.07 -6.11 13.93
C11 7NQ C . -11.56 -2.86 6.88
C7 7NQ C . -6.81 -6.77 13.40
C8 7NQ C . -10.14 -3.58 9.19
C9 7NQ C . -9.54 -3.72 7.89
C10 7NQ C . -10.25 -3.35 6.76
C12 7NQ C . -12.14 -2.73 8.14
C13 7NQ C . -11.41 -3.09 9.30
N1 7NQ C . -11.26 -3.33 11.66
N2 7NQ C . -9.24 -4.19 12.67
C3 7NQ C . -11.97 -2.97 10.61
N3 7NQ C . -9.46 -3.92 10.31
C1 7NQ C . -14.96 -1.39 12.01
C2 7NQ C . -13.54 -1.95 12.03
O1 7NQ C . -13.27 -2.48 10.77
O2 7NQ C . -9.24 -6.34 11.91
CA CA D . 3.88 35.52 -11.17
#